data_6UHH
#
_entry.id   6UHH
#
_cell.length_a   62.043
_cell.length_b   61.855
_cell.length_c   279.128
_cell.angle_alpha   90.000
_cell.angle_beta   90.000
_cell.angle_gamma   90.000
#
_symmetry.space_group_name_H-M   'P 21 21 21'
#
loop_
_entity.id
_entity.type
_entity.pdbx_description
1 polymer 'Ryanodine receptor 3'
2 non-polymer "ADENOSINE-5'-TRIPHOSPHATE"
3 non-polymer GLYCEROL
4 non-polymer 2-AMINO-2-HYDROXYMETHYL-PROPANE-1,3-DIOL
5 non-polymer DI(HYDROXYETHYL)ETHER
6 water water
#
_entity_poly.entity_id   1
_entity_poly.type   'polypeptide(L)'
_entity_poly.pdbx_seq_one_letter_code
;SNASFIPCPVDTSQVILPPHLEKIRDRLAENIHELWG(MSE)NKIELGWTFGKIRDDNKRQHPCLVEFSKLPETEKNYNL
Q(MSE)STETLKTLLALGCHIAHVNPAAEEDLKKVKLPKNY(MSE)(MSE)SNGYKPAPLDLSDVKLLPPQEILVDKLAE
NAHNVWAKDRIKQGWTYGIQQDLKNKRNPRLVPYALLDERTKKSNRDSLREAVRTFVGYGYNIEPSD
;
_entity_poly.pdbx_strand_id   A,B,C,D
#
loop_
_chem_comp.id
_chem_comp.type
_chem_comp.name
_chem_comp.formula
ATP non-polymer ADENOSINE-5'-TRIPHOSPHATE 'C10 H16 N5 O13 P3'
GOL non-polymer GLYCEROL 'C3 H8 O3'
PEG non-polymer DI(HYDROXYETHYL)ETHER 'C4 H10 O3'
TRS non-polymer 2-AMINO-2-HYDROXYMETHYL-PROPANE-1,3-DIOL 'C4 H12 N O3 1'
#
# COMPACT_ATOMS: atom_id res chain seq x y z
N PHE A 5 -15.74 -1.89 -47.23
CA PHE A 5 -14.86 -2.91 -46.69
C PHE A 5 -15.62 -4.20 -46.43
N ILE A 6 -15.23 -5.24 -47.15
CA ILE A 6 -15.70 -6.60 -46.91
C ILE A 6 -14.44 -7.47 -46.70
N PRO A 7 -14.23 -8.01 -45.51
CA PRO A 7 -13.06 -8.85 -45.26
C PRO A 7 -13.26 -10.23 -45.87
N CYS A 8 -12.25 -10.71 -46.60
CA CYS A 8 -12.33 -12.01 -47.23
C CYS A 8 -11.29 -12.93 -46.65
N PRO A 9 -11.58 -13.62 -45.54
CA PRO A 9 -10.55 -14.39 -44.86
C PRO A 9 -10.29 -15.73 -45.55
N VAL A 10 -9.29 -16.44 -45.00
CA VAL A 10 -8.94 -17.74 -45.55
C VAL A 10 -10.08 -18.72 -45.33
N ASP A 11 -10.35 -19.55 -46.34
CA ASP A 11 -11.45 -20.53 -46.28
C ASP A 11 -10.99 -21.72 -45.45
N THR A 12 -11.28 -21.67 -44.16
CA THR A 12 -11.11 -22.79 -43.25
C THR A 12 -12.31 -23.72 -43.25
N SER A 13 -13.23 -23.55 -44.20
CA SER A 13 -14.49 -24.30 -44.18
C SER A 13 -14.24 -25.81 -44.21
N GLN A 14 -13.14 -26.25 -44.82
CA GLN A 14 -12.89 -27.66 -45.04
C GLN A 14 -11.81 -28.22 -44.15
N VAL A 15 -11.23 -27.41 -43.27
CA VAL A 15 -10.19 -27.89 -42.35
C VAL A 15 -10.86 -28.47 -41.11
N ILE A 16 -10.37 -29.62 -40.67
CA ILE A 16 -10.88 -30.29 -39.49
C ILE A 16 -9.72 -30.53 -38.53
N LEU A 17 -9.88 -30.10 -37.29
CA LEU A 17 -8.78 -30.13 -36.34
C LEU A 17 -8.56 -31.56 -35.85
N PRO A 18 -7.33 -32.08 -35.95
CA PRO A 18 -7.11 -33.45 -35.46
C PRO A 18 -7.05 -33.49 -33.96
N PRO A 19 -7.37 -34.63 -33.35
CA PRO A 19 -7.45 -34.70 -31.88
C PRO A 19 -6.12 -34.56 -31.17
N HIS A 20 -5.01 -34.90 -31.82
CA HIS A 20 -3.73 -34.76 -31.14
C HIS A 20 -3.31 -33.30 -30.96
N LEU A 21 -3.99 -32.38 -31.61
CA LEU A 21 -3.77 -30.95 -31.41
C LEU A 21 -4.75 -30.34 -30.40
N GLU A 22 -5.56 -31.17 -29.74
CA GLU A 22 -6.48 -30.65 -28.74
C GLU A 22 -5.74 -30.03 -27.57
N LYS A 23 -4.67 -30.69 -27.11
CA LYS A 23 -3.89 -30.14 -26.00
C LYS A 23 -3.29 -28.79 -26.37
N ILE A 24 -2.61 -28.72 -27.52
CA ILE A 24 -1.94 -27.47 -27.88
C ILE A 24 -2.96 -26.38 -28.18
N ARG A 25 -4.11 -26.73 -28.75
CA ARG A 25 -5.19 -25.76 -28.91
C ARG A 25 -5.71 -25.31 -27.56
N ASP A 26 -5.91 -26.26 -26.63
CA ASP A 26 -6.29 -25.88 -25.28
C ASP A 26 -5.19 -25.06 -24.62
N ARG A 27 -3.96 -25.58 -24.65
CA ARG A 27 -2.86 -24.92 -23.96
C ARG A 27 -2.48 -23.60 -24.60
N LEU A 28 -2.93 -23.32 -25.82
CA LEU A 28 -2.71 -22.00 -26.39
C LEU A 28 -3.77 -21.01 -25.91
N ALA A 29 -5.04 -21.43 -25.95
CA ALA A 29 -6.12 -20.58 -25.44
C ALA A 29 -5.95 -20.26 -23.97
N GLU A 30 -5.21 -21.08 -23.22
CA GLU A 30 -4.95 -20.78 -21.82
C GLU A 30 -4.00 -19.59 -21.68
N ASN A 31 -3.06 -19.44 -22.60
CA ASN A 31 -2.09 -18.36 -22.51
C ASN A 31 -2.57 -17.06 -23.14
N ILE A 32 -3.43 -17.16 -24.16
CA ILE A 32 -4.02 -15.96 -24.76
C ILE A 32 -4.82 -15.17 -23.75
N HIS A 33 -5.41 -15.87 -22.77
CA HIS A 33 -6.14 -15.19 -21.71
C HIS A 33 -5.19 -14.61 -20.66
N GLU A 34 -4.14 -15.36 -20.30
CA GLU A 34 -3.17 -14.85 -19.33
C GLU A 34 -2.49 -13.59 -19.84
N LEU A 35 -2.29 -13.49 -21.15
CA LEU A 35 -1.81 -12.23 -21.74
C LEU A 35 -2.90 -11.17 -21.71
N TRP A 36 -4.17 -11.59 -21.82
CA TRP A 36 -5.27 -10.63 -21.85
C TRP A 36 -5.39 -9.89 -20.52
N GLY A 37 -5.45 -10.65 -19.41
CA GLY A 37 -5.49 -10.01 -18.11
C GLY A 37 -4.28 -9.14 -17.88
N MSE A 38 -3.09 -9.67 -18.15
CA MSE A 38 -1.85 -8.94 -17.96
C MSE A 38 -1.92 -7.59 -18.66
O MSE A 38 -1.57 -6.57 -18.08
CB MSE A 38 -0.65 -9.74 -18.46
CG MSE A 38 0.67 -9.14 -18.05
SE MSE A 38 2.11 -9.69 -19.24
CE MSE A 38 3.57 -8.72 -18.40
N ASN A 39 -2.42 -7.59 -19.90
CA ASN A 39 -2.53 -6.33 -20.64
C ASN A 39 -3.64 -5.44 -20.06
N LYS A 40 -4.74 -6.03 -19.61
CA LYS A 40 -5.80 -5.23 -19.01
C LYS A 40 -5.34 -4.62 -17.69
N ILE A 41 -4.59 -5.39 -16.89
CA ILE A 41 -4.12 -4.91 -15.60
C ILE A 41 -3.13 -3.77 -15.79
N GLU A 42 -2.33 -3.83 -16.84
CA GLU A 42 -1.41 -2.79 -17.24
C GLU A 42 -2.11 -1.54 -17.76
N LEU A 43 -3.40 -1.63 -18.08
CA LEU A 43 -4.22 -0.47 -18.43
C LEU A 43 -5.13 -0.06 -17.28
N GLY A 44 -5.10 -0.79 -16.16
CA GLY A 44 -5.79 -0.39 -14.96
C GLY A 44 -7.07 -1.14 -14.66
N TRP A 45 -7.39 -2.19 -15.41
CA TRP A 45 -8.63 -2.90 -15.17
C TRP A 45 -8.56 -3.69 -13.87
N THR A 46 -9.73 -3.86 -13.24
CA THR A 46 -9.87 -4.61 -12.00
C THR A 46 -11.05 -5.56 -12.12
N PHE A 47 -11.26 -6.36 -11.08
CA PHE A 47 -12.33 -7.33 -11.06
C PHE A 47 -13.62 -6.70 -10.55
N GLY A 48 -14.74 -7.13 -11.13
CA GLY A 48 -16.04 -6.65 -10.70
C GLY A 48 -17.10 -7.71 -10.92
N LYS A 49 -18.24 -7.51 -10.26
CA LYS A 49 -19.37 -8.41 -10.47
C LYS A 49 -19.73 -8.49 -11.95
N ILE A 50 -19.93 -7.32 -12.56
CA ILE A 50 -20.15 -7.22 -14.00
C ILE A 50 -19.20 -6.14 -14.52
N ARG A 51 -19.04 -6.13 -15.84
CA ARG A 51 -18.12 -5.17 -16.44
C ARG A 51 -18.59 -3.75 -16.20
N ASP A 52 -17.66 -2.90 -15.78
CA ASP A 52 -17.93 -1.48 -15.63
C ASP A 52 -16.86 -0.72 -16.39
N ASP A 53 -17.24 -0.09 -17.51
CA ASP A 53 -16.29 0.71 -18.26
C ASP A 53 -15.84 1.93 -17.48
N ASN A 54 -16.75 2.52 -16.70
CA ASN A 54 -16.39 3.67 -15.87
C ASN A 54 -15.35 3.28 -14.83
N LYS A 55 -15.67 2.32 -13.97
CA LYS A 55 -14.71 1.84 -12.98
C LYS A 55 -13.54 1.11 -13.61
N ARG A 56 -13.61 0.78 -14.90
CA ARG A 56 -12.65 -0.11 -15.55
C ARG A 56 -12.59 -1.44 -14.79
N GLN A 57 -13.76 -2.08 -14.69
CA GLN A 57 -13.91 -3.36 -14.02
C GLN A 57 -14.43 -4.39 -14.99
N HIS A 58 -13.90 -5.61 -14.88
CA HIS A 58 -14.26 -6.70 -15.78
C HIS A 58 -14.65 -7.93 -14.97
N PRO A 59 -15.73 -8.62 -15.35
CA PRO A 59 -16.12 -9.82 -14.62
C PRO A 59 -15.28 -11.02 -15.01
N CYS A 60 -14.90 -11.09 -16.28
CA CYS A 60 -14.12 -12.18 -16.83
C CYS A 60 -12.64 -12.08 -16.50
N LEU A 61 -12.26 -11.25 -15.52
CA LEU A 61 -10.88 -11.13 -15.09
C LEU A 61 -10.58 -12.14 -13.99
N VAL A 62 -10.84 -13.41 -14.32
CA VAL A 62 -10.71 -14.52 -13.39
C VAL A 62 -9.86 -15.61 -14.05
N GLU A 63 -9.50 -16.62 -13.24
CA GLU A 63 -8.75 -17.75 -13.76
C GLU A 63 -9.49 -18.38 -14.94
N PHE A 64 -8.72 -18.89 -15.90
CA PHE A 64 -9.27 -19.27 -17.20
C PHE A 64 -10.43 -20.27 -17.05
N SER A 65 -10.20 -21.36 -16.31
CA SER A 65 -11.22 -22.39 -16.21
C SER A 65 -12.48 -21.86 -15.52
N LYS A 66 -12.35 -20.86 -14.66
CA LYS A 66 -13.48 -20.33 -13.92
C LYS A 66 -14.40 -19.46 -14.78
N LEU A 67 -14.04 -19.21 -16.04
CA LEU A 67 -14.84 -18.33 -16.87
C LEU A 67 -16.18 -18.98 -17.23
N PRO A 68 -17.21 -18.18 -17.49
CA PRO A 68 -18.44 -18.72 -18.07
C PRO A 68 -18.15 -19.30 -19.45
N GLU A 69 -18.54 -20.57 -19.64
CA GLU A 69 -18.22 -21.27 -20.88
C GLU A 69 -18.79 -20.57 -22.10
N THR A 70 -19.79 -19.71 -21.93
CA THR A 70 -20.19 -18.83 -23.03
C THR A 70 -19.04 -17.92 -23.42
N GLU A 71 -18.46 -17.22 -22.44
CA GLU A 71 -17.32 -16.36 -22.67
C GLU A 71 -15.99 -17.09 -22.54
N LYS A 72 -16.01 -18.38 -22.21
CA LYS A 72 -14.79 -19.18 -22.11
C LYS A 72 -14.53 -20.03 -23.35
N ASN A 73 -15.58 -20.63 -23.92
CA ASN A 73 -15.41 -21.37 -25.16
C ASN A 73 -15.22 -20.47 -26.37
N TYR A 74 -15.33 -19.15 -26.20
CA TYR A 74 -14.91 -18.24 -27.25
C TYR A 74 -13.38 -18.20 -27.34
N ASN A 75 -12.69 -18.42 -26.22
CA ASN A 75 -11.23 -18.55 -26.27
C ASN A 75 -10.82 -19.80 -27.03
N LEU A 76 -11.37 -20.95 -26.62
CA LEU A 76 -11.06 -22.19 -27.32
C LEU A 76 -11.41 -22.10 -28.80
N GLN A 77 -12.57 -21.51 -29.09
CA GLN A 77 -13.00 -21.36 -30.49
C GLN A 77 -12.04 -20.46 -31.26
N MSE A 78 -11.84 -19.24 -30.78
CA MSE A 78 -10.98 -18.27 -31.48
C MSE A 78 -9.55 -18.76 -31.57
O MSE A 78 -8.77 -18.27 -32.39
CB MSE A 78 -11.03 -16.92 -30.78
CG MSE A 78 -11.17 -15.74 -31.73
SE MSE A 78 -12.74 -15.89 -32.85
CE MSE A 78 -12.64 -14.16 -33.75
N SER A 79 -9.20 -19.72 -30.72
CA SER A 79 -7.90 -20.36 -30.81
C SER A 79 -7.94 -21.62 -31.65
N THR A 80 -9.08 -22.33 -31.65
CA THR A 80 -9.21 -23.47 -32.55
C THR A 80 -9.06 -23.04 -34.00
N GLU A 81 -9.69 -21.93 -34.37
CA GLU A 81 -9.54 -21.39 -35.72
C GLU A 81 -8.13 -20.87 -35.97
N THR A 82 -7.36 -20.59 -34.92
CA THR A 82 -5.98 -20.16 -35.10
C THR A 82 -5.08 -21.32 -35.48
N LEU A 83 -5.40 -22.53 -35.02
CA LEU A 83 -4.69 -23.71 -35.48
C LEU A 83 -5.16 -24.14 -36.87
N LYS A 84 -6.48 -24.05 -37.12
CA LYS A 84 -7.02 -24.45 -38.41
C LYS A 84 -6.65 -23.48 -39.52
N THR A 85 -6.22 -22.27 -39.17
CA THR A 85 -5.65 -21.36 -40.17
C THR A 85 -4.23 -21.73 -40.54
N LEU A 86 -3.50 -22.42 -39.66
CA LEU A 86 -2.15 -22.85 -39.99
C LEU A 86 -2.16 -24.00 -40.99
N LEU A 87 -3.02 -24.99 -40.78
CA LEU A 87 -3.10 -26.12 -41.70
C LEU A 87 -3.53 -25.67 -43.09
N ALA A 88 -4.42 -24.67 -43.15
CA ALA A 88 -4.85 -24.14 -44.44
C ALA A 88 -3.68 -23.50 -45.18
N LEU A 89 -2.84 -22.70 -44.48
CA LEU A 89 -1.70 -22.01 -45.10
C LEU A 89 -0.55 -22.95 -45.47
N GLY A 90 -0.72 -24.27 -45.42
CA GLY A 90 0.25 -25.20 -45.93
C GLY A 90 1.05 -25.96 -44.89
N CYS A 91 0.91 -25.60 -43.61
CA CYS A 91 1.78 -26.18 -42.60
C CYS A 91 1.30 -27.58 -42.21
N HIS A 92 2.14 -28.27 -41.46
CA HIS A 92 1.68 -29.35 -40.60
C HIS A 92 2.42 -29.22 -39.28
N ILE A 93 1.72 -29.39 -38.18
CA ILE A 93 2.26 -29.18 -36.84
C ILE A 93 2.49 -30.55 -36.21
N ALA A 94 3.74 -30.81 -35.81
CA ALA A 94 4.09 -32.06 -35.17
C ALA A 94 4.89 -31.79 -33.90
N HIS A 95 4.54 -32.50 -32.82
CA HIS A 95 5.27 -32.41 -31.56
C HIS A 95 6.55 -33.21 -31.69
N VAL A 96 7.62 -32.55 -32.11
CA VAL A 96 8.87 -33.28 -32.36
C VAL A 96 9.82 -33.23 -31.16
N ASN A 97 9.78 -32.15 -30.38
CA ASN A 97 10.76 -31.95 -29.32
C ASN A 97 10.15 -32.36 -27.99
N PRO A 98 10.71 -33.36 -27.31
CA PRO A 98 10.12 -33.77 -26.02
C PRO A 98 10.52 -32.86 -24.87
N ALA A 99 11.73 -32.28 -24.91
CA ALA A 99 12.26 -31.62 -23.73
C ALA A 99 11.70 -30.22 -23.52
N ALA A 100 10.99 -29.66 -24.51
CA ALA A 100 10.57 -28.27 -24.42
C ALA A 100 9.58 -28.07 -23.28
N GLU A 101 8.63 -28.99 -23.11
CA GLU A 101 7.54 -28.80 -22.16
C GLU A 101 7.99 -28.80 -20.70
N GLU A 102 9.28 -28.98 -20.42
CA GLU A 102 9.78 -28.96 -19.05
C GLU A 102 10.60 -27.73 -18.73
N ASP A 103 11.51 -27.33 -19.63
CA ASP A 103 12.19 -26.06 -19.47
C ASP A 103 11.22 -24.88 -19.55
N LEU A 104 9.99 -25.12 -19.99
CA LEU A 104 8.98 -24.08 -20.09
C LEU A 104 8.71 -23.47 -18.71
N LYS A 105 8.92 -22.16 -18.60
CA LYS A 105 8.71 -21.44 -17.35
C LYS A 105 7.80 -20.24 -17.58
N LYS A 106 7.00 -19.93 -16.58
CA LYS A 106 6.02 -18.84 -16.66
C LYS A 106 6.56 -17.59 -15.96
N VAL A 107 6.13 -16.42 -16.47
CA VAL A 107 6.60 -15.15 -15.94
C VAL A 107 6.08 -14.94 -14.53
N LYS A 108 6.93 -14.38 -13.67
CA LYS A 108 6.54 -13.99 -12.32
C LYS A 108 6.22 -12.51 -12.35
N LEU A 109 4.93 -12.20 -12.34
CA LEU A 109 4.48 -10.82 -12.32
C LEU A 109 4.64 -10.24 -10.92
N PRO A 110 4.76 -8.91 -10.82
CA PRO A 110 4.82 -8.28 -9.51
C PRO A 110 3.54 -8.49 -8.71
N LYS A 111 3.68 -8.43 -7.39
CA LYS A 111 2.59 -8.82 -6.49
C LYS A 111 1.40 -7.87 -6.56
N ASN A 112 1.58 -6.64 -7.05
CA ASN A 112 0.46 -5.73 -7.18
C ASN A 112 -0.54 -6.19 -8.23
N TYR A 113 -0.21 -7.21 -9.02
CA TYR A 113 -1.12 -7.73 -10.03
C TYR A 113 -2.20 -8.61 -9.42
N MSE A 114 -1.93 -9.26 -8.30
CA MSE A 114 -2.91 -10.13 -7.67
C MSE A 114 -4.11 -9.32 -7.18
O MSE A 114 -3.94 -8.28 -6.54
CB MSE A 114 -2.31 -10.90 -6.49
CG MSE A 114 -3.32 -11.80 -5.79
SE MSE A 114 -2.64 -12.58 -4.16
CE MSE A 114 -1.13 -13.56 -4.91
N MSE A 115 -5.31 -9.80 -7.46
CA MSE A 115 -6.50 -9.03 -7.19
C MSE A 115 -7.43 -9.68 -6.18
O MSE A 115 -7.05 -10.61 -5.48
CB MSE A 115 -7.26 -8.77 -8.49
CG MSE A 115 -6.41 -8.07 -9.50
SE MSE A 115 -7.37 -7.49 -11.06
CE MSE A 115 -6.09 -6.15 -11.60
N SER A 116 -8.66 -9.15 -6.14
CA SER A 116 -9.64 -9.62 -5.17
C SER A 116 -9.86 -11.13 -5.29
N ASN A 117 -9.67 -11.68 -6.47
CA ASN A 117 -9.78 -13.12 -6.68
C ASN A 117 -8.50 -13.86 -6.31
N GLY A 118 -7.55 -13.19 -5.66
CA GLY A 118 -6.22 -13.77 -5.44
C GLY A 118 -5.56 -14.25 -6.71
N TYR A 119 -5.89 -13.67 -7.86
CA TYR A 119 -5.48 -14.20 -9.16
C TYR A 119 -4.49 -13.24 -9.81
N LYS A 120 -3.28 -13.74 -10.07
CA LYS A 120 -2.26 -13.00 -10.78
C LYS A 120 -1.88 -13.74 -12.06
N PRO A 121 -1.90 -13.09 -13.22
CA PRO A 121 -1.61 -13.79 -14.47
C PRO A 121 -0.19 -14.33 -14.49
N ALA A 122 0.00 -15.38 -15.30
CA ALA A 122 1.31 -16.01 -15.46
C ALA A 122 1.52 -16.34 -16.93
N PRO A 123 1.86 -15.34 -17.75
CA PRO A 123 2.20 -15.62 -19.14
C PRO A 123 3.46 -16.47 -19.21
N LEU A 124 3.61 -17.16 -20.34
CA LEU A 124 4.83 -17.91 -20.58
C LEU A 124 5.97 -16.96 -20.90
N ASP A 125 7.13 -17.20 -20.28
CA ASP A 125 8.33 -16.40 -20.56
C ASP A 125 8.97 -16.88 -21.85
N LEU A 126 8.26 -16.67 -22.95
CA LEU A 126 8.81 -16.98 -24.26
C LEU A 126 9.73 -15.85 -24.70
N SER A 127 10.71 -15.52 -23.85
CA SER A 127 11.61 -14.41 -24.15
C SER A 127 12.63 -14.80 -25.21
N ASP A 128 13.20 -16.00 -25.12
CA ASP A 128 14.27 -16.42 -26.01
C ASP A 128 13.79 -17.17 -27.23
N VAL A 129 12.50 -17.44 -27.35
CA VAL A 129 11.98 -18.07 -28.55
C VAL A 129 12.00 -17.07 -29.69
N LYS A 130 13.07 -17.09 -30.48
CA LYS A 130 13.23 -16.17 -31.61
C LYS A 130 12.87 -16.94 -32.89
N LEU A 131 11.76 -16.58 -33.50
CA LEU A 131 11.25 -17.33 -34.64
C LEU A 131 12.11 -17.12 -35.88
N LEU A 132 12.27 -18.20 -36.64
CA LEU A 132 13.01 -18.12 -37.89
C LEU A 132 12.31 -17.15 -38.85
N PRO A 133 13.08 -16.44 -39.66
CA PRO A 133 12.49 -15.47 -40.61
C PRO A 133 11.37 -16.07 -41.44
N PRO A 134 11.45 -17.34 -41.85
CA PRO A 134 10.26 -17.95 -42.50
C PRO A 134 9.02 -17.90 -41.63
N GLN A 135 9.16 -18.10 -40.32
CA GLN A 135 8.02 -18.09 -39.42
C GLN A 135 7.50 -16.69 -39.14
N GLU A 136 8.21 -15.64 -39.59
CA GLU A 136 7.72 -14.28 -39.43
C GLU A 136 6.70 -13.93 -40.51
N ILE A 137 6.95 -14.32 -41.75
CA ILE A 137 5.98 -14.10 -42.81
C ILE A 137 4.66 -14.77 -42.48
N LEU A 138 4.72 -15.92 -41.80
CA LEU A 138 3.49 -16.62 -41.40
C LEU A 138 2.67 -15.79 -40.44
N VAL A 139 3.33 -15.11 -39.49
CA VAL A 139 2.61 -14.34 -38.49
C VAL A 139 1.85 -13.19 -39.14
N ASP A 140 2.47 -12.54 -40.14
CA ASP A 140 1.82 -11.41 -40.79
C ASP A 140 0.50 -11.80 -41.43
N LYS A 141 0.39 -13.04 -41.90
CA LYS A 141 -0.88 -13.53 -42.44
C LYS A 141 -1.90 -13.73 -41.33
N LEU A 142 -1.52 -14.50 -40.30
CA LEU A 142 -2.40 -14.71 -39.16
C LEU A 142 -2.77 -13.38 -38.51
N ALA A 143 -1.80 -12.47 -38.38
CA ALA A 143 -2.09 -11.16 -37.82
C ALA A 143 -3.06 -10.38 -38.69
N GLU A 144 -3.08 -10.67 -39.99
CA GLU A 144 -4.03 -10.03 -40.88
C GLU A 144 -5.36 -10.78 -40.91
N ASN A 145 -5.31 -12.12 -40.91
CA ASN A 145 -6.54 -12.91 -40.86
C ASN A 145 -7.31 -12.64 -39.57
N ALA A 146 -6.60 -12.46 -38.46
CA ALA A 146 -7.27 -12.17 -37.20
C ALA A 146 -8.13 -10.90 -37.30
N HIS A 147 -7.71 -9.95 -38.13
CA HIS A 147 -8.51 -8.73 -38.31
C HIS A 147 -9.71 -9.00 -39.21
N ASN A 148 -9.48 -9.66 -40.34
CA ASN A 148 -10.56 -9.96 -41.27
C ASN A 148 -11.59 -10.89 -40.65
N VAL A 149 -11.15 -11.79 -39.77
CA VAL A 149 -12.11 -12.65 -39.07
C VAL A 149 -12.88 -11.85 -38.03
N TRP A 150 -12.15 -11.12 -37.17
CA TRP A 150 -12.81 -10.31 -36.15
C TRP A 150 -13.77 -9.30 -36.76
N ALA A 151 -13.40 -8.72 -37.92
CA ALA A 151 -14.29 -7.79 -38.58
C ALA A 151 -15.40 -8.50 -39.34
N LYS A 152 -15.18 -9.75 -39.74
CA LYS A 152 -16.23 -10.50 -40.43
C LYS A 152 -17.41 -10.78 -39.50
N ASP A 153 -17.14 -11.21 -38.26
CA ASP A 153 -18.20 -11.43 -37.30
C ASP A 153 -18.91 -10.12 -36.95
N ARG A 154 -18.22 -8.99 -37.08
CA ARG A 154 -18.82 -7.70 -36.77
C ARG A 154 -19.96 -7.38 -37.72
N ILE A 155 -19.70 -7.46 -39.03
CA ILE A 155 -20.69 -7.08 -40.03
C ILE A 155 -21.90 -8.02 -39.98
N LYS A 156 -21.68 -9.31 -39.72
CA LYS A 156 -22.81 -10.21 -39.55
C LYS A 156 -23.60 -9.87 -38.29
N GLN A 157 -22.90 -9.47 -37.23
CA GLN A 157 -23.59 -8.97 -36.05
C GLN A 157 -24.34 -7.69 -36.36
N GLY A 158 -23.93 -6.97 -37.40
CA GLY A 158 -24.56 -5.73 -37.82
C GLY A 158 -23.67 -4.52 -37.75
N TRP A 159 -22.45 -4.63 -37.23
CA TRP A 159 -21.68 -3.45 -36.86
C TRP A 159 -21.38 -2.58 -38.07
N THR A 160 -21.11 -1.30 -37.81
CA THR A 160 -20.75 -0.33 -38.83
C THR A 160 -19.58 0.49 -38.31
N TYR A 161 -19.11 1.42 -39.14
CA TYR A 161 -17.98 2.27 -38.78
C TYR A 161 -18.45 3.59 -38.19
N GLY A 162 -17.73 4.05 -37.16
CA GLY A 162 -17.99 5.35 -36.58
C GLY A 162 -16.68 6.06 -36.31
N ILE A 163 -16.79 7.38 -36.10
CA ILE A 163 -15.61 8.19 -35.80
C ILE A 163 -14.89 7.61 -34.59
N GLN A 164 -15.61 7.48 -33.48
CA GLN A 164 -15.14 6.76 -32.32
C GLN A 164 -16.16 5.70 -31.96
N GLN A 165 -15.79 4.82 -31.04
CA GLN A 165 -16.65 3.70 -30.69
C GLN A 165 -17.83 4.15 -29.85
N ASP A 166 -19.01 3.67 -30.22
CA ASP A 166 -20.21 3.77 -29.40
C ASP A 166 -20.57 2.35 -28.97
N LEU A 167 -20.39 2.05 -27.67
CA LEU A 167 -20.62 0.69 -27.20
C LEU A 167 -22.07 0.28 -27.43
N LYS A 168 -23.00 1.21 -27.27
CA LYS A 168 -24.42 0.89 -27.42
C LYS A 168 -24.77 0.55 -28.86
N ASN A 169 -24.33 1.39 -29.80
CA ASN A 169 -24.65 1.21 -31.20
C ASN A 169 -23.56 0.41 -31.91
N LYS A 170 -23.85 0.07 -33.15
CA LYS A 170 -22.98 -0.74 -34.01
C LYS A 170 -21.74 0.02 -34.51
N ARG A 171 -21.49 1.24 -34.03
CA ARG A 171 -20.42 2.06 -34.57
C ARG A 171 -19.10 1.74 -33.86
N ASN A 172 -18.05 1.58 -34.65
CA ASN A 172 -16.70 1.24 -34.20
C ASN A 172 -15.73 2.06 -35.02
N PRO A 173 -14.57 2.41 -34.47
CA PRO A 173 -13.57 3.16 -35.24
C PRO A 173 -12.56 2.30 -36.01
N ARG A 174 -12.64 0.96 -35.94
CA ARG A 174 -11.63 0.09 -36.53
C ARG A 174 -12.25 -0.97 -37.46
N LEU A 175 -13.43 -0.70 -38.01
CA LEU A 175 -14.03 -1.60 -38.99
C LEU A 175 -13.64 -1.16 -40.41
N VAL A 176 -12.33 -1.11 -40.63
CA VAL A 176 -11.75 -0.66 -41.89
C VAL A 176 -10.82 -1.75 -42.40
N PRO A 177 -10.47 -1.72 -43.69
CA PRO A 177 -9.48 -2.68 -44.20
C PRO A 177 -8.17 -2.56 -43.44
N TYR A 178 -7.35 -3.60 -43.57
CA TYR A 178 -6.07 -3.63 -42.86
C TYR A 178 -5.18 -2.45 -43.28
N ALA A 179 -5.32 -1.98 -44.52
CA ALA A 179 -4.48 -0.89 -44.99
C ALA A 179 -4.80 0.42 -44.27
N LEU A 180 -6.04 0.62 -43.83
CA LEU A 180 -6.40 1.85 -43.15
C LEU A 180 -6.05 1.83 -41.66
N LEU A 181 -5.86 0.65 -41.08
CA LEU A 181 -5.58 0.51 -39.67
C LEU A 181 -4.29 1.25 -39.31
N ASP A 182 -4.09 1.46 -38.00
CA ASP A 182 -2.93 2.19 -37.52
C ASP A 182 -1.78 1.22 -37.25
N GLU A 183 -0.55 1.72 -37.43
CA GLU A 183 0.63 0.89 -37.23
C GLU A 183 0.67 0.32 -35.82
N ARG A 184 0.13 1.06 -34.85
CA ARG A 184 0.18 0.62 -33.46
C ARG A 184 -0.58 -0.69 -33.29
N THR A 185 -1.78 -0.79 -33.89
CA THR A 185 -2.59 -1.98 -33.75
C THR A 185 -2.09 -3.11 -34.64
N LYS A 186 -1.66 -2.79 -35.86
CA LYS A 186 -1.08 -3.81 -36.75
C LYS A 186 0.04 -4.56 -36.03
N LYS A 187 0.92 -3.82 -35.35
CA LYS A 187 1.96 -4.46 -34.56
C LYS A 187 1.40 -5.09 -33.31
N SER A 188 0.43 -4.42 -32.66
CA SER A 188 -0.23 -4.98 -31.49
C SER A 188 -0.83 -6.35 -31.79
N ASN A 189 -1.48 -6.48 -32.96
CA ASN A 189 -2.03 -7.77 -33.35
C ASN A 189 -0.93 -8.80 -33.53
N ARG A 190 0.09 -8.46 -34.33
CA ARG A 190 1.16 -9.41 -34.59
C ARG A 190 2.04 -9.62 -33.36
N ASP A 191 1.98 -8.74 -32.37
CA ASP A 191 2.67 -8.99 -31.10
C ASP A 191 2.09 -10.21 -30.41
N SER A 192 0.77 -10.38 -30.48
CA SER A 192 0.13 -11.51 -29.81
C SER A 192 0.35 -12.80 -30.60
N LEU A 193 0.14 -12.77 -31.91
CA LEU A 193 0.26 -14.00 -32.68
C LEU A 193 1.71 -14.42 -32.85
N ARG A 194 2.65 -13.49 -32.75
CA ARG A 194 4.05 -13.89 -32.60
C ARG A 194 4.23 -14.67 -31.31
N GLU A 195 3.58 -14.23 -30.24
CA GLU A 195 3.62 -14.94 -28.96
C GLU A 195 2.80 -16.23 -29.00
N ALA A 196 2.04 -16.49 -30.05
CA ALA A 196 1.27 -17.72 -30.17
C ALA A 196 2.07 -18.82 -30.88
N VAL A 197 2.70 -18.49 -32.00
CA VAL A 197 3.63 -19.41 -32.66
C VAL A 197 4.78 -19.74 -31.73
N ARG A 198 5.19 -18.78 -30.90
CA ARG A 198 6.18 -19.06 -29.86
C ARG A 198 5.71 -20.14 -28.90
N THR A 199 4.40 -20.26 -28.72
CA THR A 199 3.86 -21.26 -27.80
C THR A 199 3.94 -22.66 -28.38
N PHE A 200 3.66 -22.81 -29.68
CA PHE A 200 3.85 -24.11 -30.31
C PHE A 200 5.29 -24.57 -30.18
N VAL A 201 6.24 -23.64 -30.23
CA VAL A 201 7.65 -23.98 -30.04
C VAL A 201 7.93 -24.23 -28.56
N GLY A 202 7.31 -23.45 -27.67
CA GLY A 202 7.51 -23.63 -26.25
C GLY A 202 7.08 -24.98 -25.73
N TYR A 203 6.16 -25.65 -26.41
CA TYR A 203 5.75 -27.00 -26.06
C TYR A 203 6.42 -28.05 -26.93
N GLY A 204 7.25 -27.65 -27.89
CA GLY A 204 8.02 -28.58 -28.69
C GLY A 204 7.39 -29.00 -30.00
N TYR A 205 6.43 -28.25 -30.52
CA TYR A 205 5.80 -28.60 -31.79
C TYR A 205 6.57 -28.02 -32.97
N ASN A 206 6.61 -28.78 -34.05
CA ASN A 206 7.28 -28.40 -35.29
C ASN A 206 6.27 -27.75 -36.23
N ILE A 207 6.56 -26.53 -36.66
CA ILE A 207 5.69 -25.81 -37.57
C ILE A 207 6.27 -25.90 -38.98
N GLU A 208 6.33 -27.12 -39.51
CA GLU A 208 6.97 -27.37 -40.80
C GLU A 208 6.02 -28.08 -41.75
N PRO A 209 5.78 -27.55 -42.95
CA PRO A 209 5.16 -28.38 -43.99
C PRO A 209 6.14 -29.44 -44.44
N SER A 210 5.59 -30.57 -44.88
CA SER A 210 6.39 -31.68 -45.37
C SER A 210 7.13 -31.29 -46.65
N PHE B 5 -32.65 -12.42 34.45
CA PHE B 5 -32.20 -11.04 34.31
C PHE B 5 -33.14 -10.27 33.40
N ILE B 6 -33.94 -9.41 34.01
CA ILE B 6 -34.77 -8.46 33.29
C ILE B 6 -34.18 -7.05 33.51
N PRO B 7 -33.70 -6.39 32.47
CA PRO B 7 -33.11 -5.05 32.67
C PRO B 7 -34.18 -4.00 32.86
N CYS B 8 -34.03 -3.18 33.90
CA CYS B 8 -34.99 -2.14 34.27
C CYS B 8 -34.28 -0.80 34.19
N PRO B 9 -34.21 -0.19 33.02
CA PRO B 9 -33.43 1.05 32.86
C PRO B 9 -34.13 2.23 33.52
N VAL B 10 -33.42 3.36 33.53
CA VAL B 10 -33.98 4.61 34.02
C VAL B 10 -35.09 5.06 33.08
N ASP B 11 -36.27 5.33 33.66
CA ASP B 11 -37.45 5.61 32.87
C ASP B 11 -37.44 7.06 32.41
N THR B 12 -37.36 7.27 31.11
CA THR B 12 -37.48 8.59 30.50
C THR B 12 -38.84 8.79 29.83
N SER B 13 -39.87 8.11 30.34
CA SER B 13 -41.19 8.15 29.69
C SER B 13 -41.84 9.52 29.80
N GLN B 14 -41.58 10.24 30.89
CA GLN B 14 -42.10 11.59 31.06
C GLN B 14 -41.16 12.66 30.55
N VAL B 15 -39.98 12.29 30.07
CA VAL B 15 -39.01 13.28 29.60
C VAL B 15 -39.31 13.63 28.15
N ILE B 16 -39.45 14.93 27.89
CA ILE B 16 -39.52 15.47 26.53
C ILE B 16 -38.20 16.18 26.24
N LEU B 17 -37.59 15.85 25.11
CA LEU B 17 -36.37 16.55 24.73
C LEU B 17 -36.72 17.90 24.14
N PRO B 18 -36.27 19.00 24.73
CA PRO B 18 -36.59 20.33 24.18
C PRO B 18 -35.86 20.57 22.86
N PRO B 19 -36.38 21.46 22.02
CA PRO B 19 -35.70 21.72 20.74
C PRO B 19 -34.39 22.47 20.90
N HIS B 20 -34.20 23.19 22.00
CA HIS B 20 -32.93 23.88 22.23
C HIS B 20 -31.78 22.91 22.49
N LEU B 21 -32.08 21.64 22.73
CA LEU B 21 -31.07 20.60 22.81
C LEU B 21 -31.10 19.65 21.61
N GLU B 22 -31.95 19.92 20.62
CA GLU B 22 -32.01 19.07 19.44
C GLU B 22 -30.74 19.18 18.61
N LYS B 23 -30.12 20.37 18.58
CA LYS B 23 -28.91 20.54 17.78
C LYS B 23 -27.78 19.68 18.29
N ILE B 24 -27.58 19.64 19.61
CA ILE B 24 -26.51 18.84 20.17
C ILE B 24 -26.87 17.36 20.13
N ARG B 25 -28.16 17.04 20.12
CA ARG B 25 -28.57 15.65 19.93
C ARG B 25 -27.99 15.09 18.64
N ASP B 26 -27.93 15.92 17.60
CA ASP B 26 -27.37 15.47 16.32
C ASP B 26 -25.85 15.41 16.39
N ARG B 27 -25.22 16.54 16.73
CA ARG B 27 -23.76 16.60 16.75
C ARG B 27 -23.16 15.55 17.66
N LEU B 28 -23.91 15.06 18.65
CA LEU B 28 -23.44 13.97 19.50
C LEU B 28 -23.42 12.66 18.72
N ALA B 29 -24.55 12.28 18.12
CA ALA B 29 -24.61 11.03 17.37
C ALA B 29 -23.77 11.07 16.12
N GLU B 30 -23.45 12.26 15.59
CA GLU B 30 -22.50 12.37 14.50
C GLU B 30 -21.11 11.92 14.91
N ASN B 31 -20.80 11.93 16.21
CA ASN B 31 -19.50 11.49 16.69
C ASN B 31 -19.51 10.03 17.13
N ILE B 32 -20.63 9.54 17.68
CA ILE B 32 -20.72 8.13 18.05
C ILE B 32 -20.49 7.24 16.83
N HIS B 33 -20.81 7.74 15.63
CA HIS B 33 -20.64 6.96 14.41
C HIS B 33 -19.19 6.94 13.96
N GLU B 34 -18.50 8.08 14.06
CA GLU B 34 -17.11 8.16 13.64
C GLU B 34 -16.17 7.43 14.61
N LEU B 35 -16.43 7.53 15.92
CA LEU B 35 -15.66 6.73 16.87
C LEU B 35 -15.95 5.25 16.68
N TRP B 36 -17.23 4.89 16.54
CA TRP B 36 -17.59 3.51 16.26
C TRP B 36 -16.87 3.01 15.02
N GLY B 37 -16.94 3.79 13.93
CA GLY B 37 -16.24 3.41 12.72
C GLY B 37 -14.75 3.22 12.95
N MSE B 38 -14.12 4.22 13.56
CA MSE B 38 -12.71 4.15 13.92
C MSE B 38 -12.43 2.92 14.78
O MSE B 38 -11.73 2.00 14.35
CB MSE B 38 -12.28 5.41 14.66
CG MSE B 38 -10.86 5.37 15.17
SE MSE B 38 -10.71 6.36 16.83
CE MSE B 38 -8.79 6.70 16.82
N ASN B 39 -12.99 2.90 15.99
CA ASN B 39 -12.78 1.76 16.87
C ASN B 39 -13.22 0.44 16.24
N LYS B 40 -14.07 0.46 15.21
CA LYS B 40 -14.34 -0.77 14.49
C LYS B 40 -13.30 -1.02 13.41
N ILE B 41 -12.73 0.03 12.84
CA ILE B 41 -11.67 -0.18 11.86
C ILE B 41 -10.41 -0.73 12.53
N GLU B 42 -10.16 -0.38 13.80
CA GLU B 42 -8.88 -0.76 14.42
C GLU B 42 -8.80 -2.27 14.59
N LEU B 43 -9.91 -2.90 14.96
CA LEU B 43 -10.06 -4.34 14.73
C LEU B 43 -10.47 -4.57 13.29
N GLY B 44 -9.55 -5.12 12.49
CA GLY B 44 -9.72 -5.22 11.04
C GLY B 44 -11.13 -5.19 10.50
N TRP B 45 -11.47 -4.15 9.74
CA TRP B 45 -12.74 -4.01 9.05
C TRP B 45 -12.54 -3.16 7.80
N THR B 46 -13.22 -3.52 6.72
CA THR B 46 -13.03 -2.88 5.43
C THR B 46 -14.38 -2.46 4.86
N PHE B 47 -14.37 -1.39 4.07
CA PHE B 47 -15.60 -0.91 3.46
C PHE B 47 -16.24 -1.98 2.59
N GLY B 48 -17.57 -2.01 2.59
CA GLY B 48 -18.29 -2.98 1.80
C GLY B 48 -19.64 -2.44 1.35
N LYS B 49 -20.20 -3.11 0.34
CA LYS B 49 -21.52 -2.75 -0.16
C LYS B 49 -22.63 -3.52 0.55
N ILE B 50 -22.35 -4.74 0.98
CA ILE B 50 -23.28 -5.54 1.77
C ILE B 50 -22.47 -6.21 2.88
N ARG B 51 -23.15 -6.53 3.98
CA ARG B 51 -22.45 -6.99 5.17
C ARG B 51 -21.80 -8.35 4.94
N ASP B 52 -20.48 -8.39 5.03
CA ASP B 52 -19.69 -9.62 4.97
C ASP B 52 -19.04 -9.80 6.33
N ASP B 53 -19.48 -10.80 7.08
CA ASP B 53 -18.94 -10.99 8.43
C ASP B 53 -17.58 -11.65 8.43
N ASN B 54 -17.28 -12.48 7.42
CA ASN B 54 -15.97 -13.11 7.35
C ASN B 54 -14.95 -12.15 6.76
N LYS B 55 -15.27 -11.51 5.63
CA LYS B 55 -14.36 -10.62 4.94
C LYS B 55 -14.46 -9.18 5.42
N ARG B 56 -15.25 -8.92 6.46
CA ARG B 56 -15.28 -7.63 7.14
C ARG B 56 -15.69 -6.49 6.21
N GLN B 57 -16.72 -6.71 5.41
CA GLN B 57 -17.34 -5.67 4.61
C GLN B 57 -18.58 -5.18 5.35
N HIS B 58 -18.54 -3.93 5.83
CA HIS B 58 -19.69 -3.33 6.48
C HIS B 58 -20.26 -2.23 5.61
N PRO B 59 -21.55 -2.30 5.24
CA PRO B 59 -22.12 -1.24 4.39
C PRO B 59 -22.17 0.10 5.08
N CYS B 60 -22.25 0.13 6.41
CA CYS B 60 -22.35 1.35 7.18
C CYS B 60 -20.99 1.96 7.50
N LEU B 61 -19.95 1.53 6.80
CA LEU B 61 -18.65 2.20 6.85
C LEU B 61 -18.60 3.38 5.88
N VAL B 62 -19.68 4.16 5.90
CA VAL B 62 -19.81 5.35 5.07
C VAL B 62 -19.98 6.55 5.97
N GLU B 63 -19.92 7.74 5.37
CA GLU B 63 -20.12 8.97 6.13
C GLU B 63 -21.54 9.02 6.68
N PHE B 64 -21.67 9.62 7.86
CA PHE B 64 -22.99 9.72 8.51
C PHE B 64 -23.99 10.46 7.64
N SER B 65 -23.53 11.45 6.87
CA SER B 65 -24.42 12.19 5.99
C SER B 65 -25.02 11.32 4.91
N LYS B 66 -24.39 10.18 4.61
CA LYS B 66 -24.87 9.28 3.57
C LYS B 66 -25.31 7.93 4.12
N LEU B 67 -25.48 7.81 5.44
CA LEU B 67 -25.96 6.56 6.02
C LEU B 67 -27.38 6.27 5.55
N PRO B 68 -27.78 4.99 5.51
CA PRO B 68 -29.17 4.66 5.19
C PRO B 68 -30.13 5.30 6.18
N GLU B 69 -31.40 5.36 5.77
CA GLU B 69 -32.41 6.02 6.60
C GLU B 69 -32.70 5.21 7.85
N THR B 70 -32.96 3.91 7.69
CA THR B 70 -33.24 3.06 8.85
C THR B 70 -32.05 2.96 9.79
N GLU B 71 -30.84 3.24 9.29
CA GLU B 71 -29.65 3.23 10.13
C GLU B 71 -29.37 4.59 10.74
N LYS B 72 -29.79 5.67 10.09
CA LYS B 72 -29.64 7.01 10.64
C LYS B 72 -30.61 7.27 11.78
N ASN B 73 -31.75 6.57 11.82
CA ASN B 73 -32.71 6.76 12.90
C ASN B 73 -32.16 6.21 14.20
N TYR B 74 -31.64 4.98 14.19
CA TYR B 74 -31.12 4.36 15.41
C TYR B 74 -29.97 5.17 16.00
N ASN B 75 -29.16 5.81 15.15
CA ASN B 75 -28.08 6.64 15.64
C ASN B 75 -28.61 7.82 16.45
N LEU B 76 -29.68 8.47 15.97
CA LEU B 76 -30.25 9.60 16.69
C LEU B 76 -31.12 9.18 17.85
N GLN B 77 -31.69 7.97 17.80
CA GLN B 77 -32.46 7.47 18.94
C GLN B 77 -31.56 7.31 20.16
N MSE B 78 -30.39 6.72 19.97
CA MSE B 78 -29.44 6.50 21.07
C MSE B 78 -28.83 7.81 21.56
O MSE B 78 -28.26 7.86 22.65
CB MSE B 78 -28.34 5.54 20.63
CG MSE B 78 -28.82 4.11 20.41
SE MSE B 78 -29.38 3.26 22.06
CE MSE B 78 -31.25 2.93 21.65
N SER B 79 -28.96 8.85 20.76
CA SER B 79 -28.52 10.18 21.14
C SER B 79 -29.57 10.95 21.93
N THR B 80 -30.85 10.66 21.70
CA THR B 80 -31.90 11.32 22.47
C THR B 80 -32.05 10.70 23.84
N GLU B 81 -32.16 9.36 23.90
CA GLU B 81 -32.28 8.68 25.19
C GLU B 81 -31.09 8.99 26.08
N THR B 82 -29.92 9.23 25.50
CA THR B 82 -28.80 9.73 26.29
C THR B 82 -29.10 11.12 26.84
N LEU B 83 -29.59 12.02 25.98
CA LEU B 83 -30.03 13.32 26.44
C LEU B 83 -31.26 13.21 27.34
N LYS B 84 -32.11 12.21 27.09
CA LYS B 84 -33.27 12.00 27.95
C LYS B 84 -32.88 11.35 29.28
N THR B 85 -31.86 10.49 29.28
CA THR B 85 -31.40 9.93 30.55
C THR B 85 -30.78 11.00 31.44
N LEU B 86 -30.18 12.03 30.83
CA LEU B 86 -29.52 13.07 31.63
C LEU B 86 -30.52 13.89 32.44
N LEU B 87 -31.64 14.28 31.82
CA LEU B 87 -32.64 15.05 32.56
C LEU B 87 -33.32 14.19 33.62
N ALA B 88 -33.62 12.93 33.29
CA ALA B 88 -34.27 12.04 34.25
C ALA B 88 -33.44 11.86 35.51
N LEU B 89 -32.11 11.95 35.40
CA LEU B 89 -31.26 11.90 36.57
C LEU B 89 -31.39 13.18 37.40
N GLY B 90 -31.44 14.33 36.74
CA GLY B 90 -31.67 15.58 37.44
C GLY B 90 -30.88 16.76 36.92
N CYS B 91 -29.86 16.52 36.10
CA CYS B 91 -29.04 17.61 35.62
C CYS B 91 -29.76 18.37 34.50
N HIS B 92 -29.33 19.61 34.30
CA HIS B 92 -29.85 20.43 33.22
C HIS B 92 -28.69 20.91 32.36
N ILE B 93 -28.94 21.00 31.06
CA ILE B 93 -27.94 21.34 30.06
C ILE B 93 -28.16 22.77 29.62
N ALA B 94 -27.08 23.52 29.50
CA ALA B 94 -27.15 24.90 29.05
C ALA B 94 -25.88 25.26 28.29
N HIS B 95 -26.04 25.93 27.15
CA HIS B 95 -24.91 26.35 26.33
C HIS B 95 -24.25 27.56 26.98
N VAL B 96 -23.07 27.35 27.58
CA VAL B 96 -22.42 28.37 28.39
C VAL B 96 -21.06 28.79 27.85
N ASN B 97 -20.61 28.21 26.74
CA ASN B 97 -19.31 28.55 26.17
C ASN B 97 -19.46 28.88 24.68
N PRO B 98 -19.56 30.16 24.33
CA PRO B 98 -19.70 30.51 22.91
C PRO B 98 -18.44 30.27 22.09
N ALA B 99 -17.27 30.61 22.64
CA ALA B 99 -16.01 30.46 21.92
C ALA B 99 -15.46 29.04 21.94
N ALA B 100 -16.26 28.05 22.34
CA ALA B 100 -15.81 26.68 22.44
C ALA B 100 -15.95 25.93 21.11
N GLU B 101 -17.12 26.03 20.49
CA GLU B 101 -17.37 25.32 19.24
C GLU B 101 -16.39 25.74 18.15
N GLU B 102 -15.92 26.99 18.18
CA GLU B 102 -14.94 27.47 17.21
C GLU B 102 -13.53 26.99 17.50
N ASP B 103 -13.30 26.36 18.65
CA ASP B 103 -11.98 25.86 19.03
C ASP B 103 -11.88 24.35 18.87
N LEU B 104 -12.84 23.73 18.20
CA LEU B 104 -12.92 22.28 18.13
C LEU B 104 -12.04 21.74 17.02
N LYS B 105 -11.31 20.68 17.33
CA LYS B 105 -10.45 20.00 16.36
C LYS B 105 -10.87 18.53 16.26
N LYS B 106 -10.70 17.98 15.07
CA LYS B 106 -10.91 16.56 14.83
C LYS B 106 -9.56 15.86 14.72
N VAL B 107 -9.48 14.65 15.28
CA VAL B 107 -8.21 13.96 15.35
C VAL B 107 -7.75 13.55 13.96
N LYS B 108 -6.48 13.82 13.66
CA LYS B 108 -5.89 13.42 12.40
C LYS B 108 -5.59 11.93 12.45
N LEU B 109 -6.17 11.18 11.54
CA LEU B 109 -6.01 9.74 11.55
C LEU B 109 -5.05 9.30 10.45
N PRO B 110 -4.41 8.14 10.62
CA PRO B 110 -3.39 7.70 9.65
C PRO B 110 -3.96 7.53 8.24
N LYS B 111 -3.03 7.49 7.28
CA LYS B 111 -3.39 7.35 5.87
C LYS B 111 -4.10 6.03 5.61
N ASN B 112 -3.63 4.95 6.25
CA ASN B 112 -4.22 3.63 6.02
C ASN B 112 -5.66 3.54 6.50
N TYR B 113 -6.15 4.51 7.28
CA TYR B 113 -7.54 4.48 7.73
C TYR B 113 -8.52 4.77 6.61
N MSE B 114 -8.10 5.41 5.53
CA MSE B 114 -8.98 5.77 4.42
C MSE B 114 -9.59 4.53 3.76
O MSE B 114 -8.86 3.72 3.17
CB MSE B 114 -8.23 6.61 3.39
CG MSE B 114 -8.99 6.87 2.11
SE MSE B 114 -9.31 8.77 1.84
CE MSE B 114 -7.56 9.44 2.40
N MSE B 115 -10.89 4.38 3.87
CA MSE B 115 -11.58 3.19 3.39
C MSE B 115 -11.59 3.12 1.87
O MSE B 115 -11.25 4.09 1.19
CB MSE B 115 -13.01 3.14 3.93
CG MSE B 115 -13.10 2.61 5.36
SE MSE B 115 -12.34 0.83 5.51
CE MSE B 115 -10.66 1.29 6.39
N SER B 116 -11.98 1.96 1.34
CA SER B 116 -11.96 1.73 -0.12
C SER B 116 -12.69 2.82 -0.88
N ASN B 117 -13.73 3.41 -0.29
CA ASN B 117 -14.46 4.49 -0.93
C ASN B 117 -13.91 5.86 -0.57
N GLY B 118 -12.74 5.93 0.04
CA GLY B 118 -12.14 7.20 0.37
C GLY B 118 -12.75 7.92 1.56
N TYR B 119 -13.34 7.18 2.50
CA TYR B 119 -13.96 7.75 3.69
C TYR B 119 -13.09 7.46 4.91
N LYS B 120 -12.79 8.50 5.69
CA LYS B 120 -11.93 8.37 6.86
C LYS B 120 -12.67 8.85 8.11
N PRO B 121 -12.68 8.07 9.19
CA PRO B 121 -13.27 8.56 10.45
C PRO B 121 -12.62 9.86 10.89
N ALA B 122 -13.41 10.72 11.51
CA ALA B 122 -12.94 12.01 12.03
C ALA B 122 -13.52 12.25 13.42
N PRO B 123 -13.05 11.51 14.41
CA PRO B 123 -13.45 11.79 15.80
C PRO B 123 -12.96 13.17 16.24
N LEU B 124 -13.55 13.66 17.33
CA LEU B 124 -13.17 14.95 17.88
C LEU B 124 -12.01 14.78 18.85
N ASP B 125 -11.14 15.79 18.89
CA ASP B 125 -9.98 15.79 19.78
C ASP B 125 -10.40 16.30 21.16
N LEU B 126 -11.16 15.46 21.85
CA LEU B 126 -11.62 15.76 23.20
C LEU B 126 -10.64 15.32 24.27
N SER B 127 -9.43 14.92 23.88
CA SER B 127 -8.45 14.47 24.86
C SER B 127 -8.07 15.58 25.82
N ASP B 128 -8.20 16.85 25.39
CA ASP B 128 -7.90 17.98 26.26
C ASP B 128 -8.95 18.17 27.35
N VAL B 129 -10.07 17.46 27.27
CA VAL B 129 -11.17 17.64 28.20
C VAL B 129 -10.94 16.74 29.42
N LYS B 130 -10.76 17.37 30.57
CA LYS B 130 -10.77 16.67 31.86
C LYS B 130 -12.15 16.82 32.48
N LEU B 131 -12.61 15.77 33.15
CA LEU B 131 -13.95 15.77 33.74
C LEU B 131 -13.88 15.96 35.26
N LEU B 132 -15.01 16.37 35.83
CA LEU B 132 -15.22 16.57 37.25
C LEU B 132 -15.63 15.28 37.93
N PRO B 133 -15.19 15.06 39.16
CA PRO B 133 -15.58 13.86 39.91
C PRO B 133 -17.10 13.68 39.95
N PRO B 134 -17.90 14.74 40.15
CA PRO B 134 -19.35 14.55 40.01
C PRO B 134 -19.75 14.06 38.63
N GLN B 135 -19.05 14.50 37.59
CA GLN B 135 -19.40 14.09 36.24
C GLN B 135 -18.84 12.72 35.91
N GLU B 136 -17.72 12.34 36.52
CA GLU B 136 -17.28 10.95 36.42
C GLU B 136 -18.28 10.00 37.09
N ILE B 137 -18.94 10.47 38.16
CA ILE B 137 -20.01 9.69 38.76
C ILE B 137 -21.21 9.64 37.83
N LEU B 138 -21.43 10.68 37.05
CA LEU B 138 -22.57 10.70 36.14
C LEU B 138 -22.42 9.64 35.06
N VAL B 139 -21.20 9.43 34.56
CA VAL B 139 -20.99 8.48 33.47
C VAL B 139 -21.31 7.07 33.94
N ASP B 140 -20.80 6.69 35.12
CA ASP B 140 -21.05 5.35 35.65
C ASP B 140 -22.54 5.04 35.78
N LYS B 141 -23.38 6.07 35.87
CA LYS B 141 -24.82 5.85 35.81
C LYS B 141 -25.27 5.58 34.39
N LEU B 142 -24.97 6.51 33.47
CA LEU B 142 -25.30 6.31 32.07
C LEU B 142 -24.68 5.03 31.52
N ALA B 143 -23.47 4.72 31.96
CA ALA B 143 -22.79 3.52 31.47
C ALA B 143 -23.57 2.26 31.81
N GLU B 144 -23.96 2.13 33.08
CA GLU B 144 -24.75 0.97 33.48
C GLU B 144 -26.14 1.00 32.84
N ASN B 145 -26.72 2.19 32.72
CA ASN B 145 -28.03 2.31 32.08
C ASN B 145 -27.98 1.89 30.62
N ALA B 146 -26.83 2.04 29.96
CA ALA B 146 -26.70 1.66 28.57
C ALA B 146 -26.89 0.15 28.39
N HIS B 147 -26.22 -0.65 29.22
CA HIS B 147 -26.35 -2.10 29.10
C HIS B 147 -27.78 -2.55 29.30
N ASN B 148 -28.43 -2.03 30.34
CA ASN B 148 -29.82 -2.41 30.61
C ASN B 148 -30.73 -1.97 29.48
N VAL B 149 -30.55 -0.75 28.98
CA VAL B 149 -31.28 -0.31 27.80
C VAL B 149 -30.98 -1.22 26.62
N TRP B 150 -29.71 -1.57 26.42
CA TRP B 150 -29.34 -2.44 25.31
C TRP B 150 -29.95 -3.83 25.48
N ALA B 151 -29.78 -4.43 26.65
CA ALA B 151 -30.32 -5.77 26.88
C ALA B 151 -31.84 -5.77 26.78
N LYS B 152 -32.49 -4.70 27.24
CA LYS B 152 -33.94 -4.60 27.14
C LYS B 152 -34.38 -4.63 25.67
N ASP B 153 -33.75 -3.79 24.84
CA ASP B 153 -33.99 -3.85 23.41
C ASP B 153 -33.71 -5.26 22.88
N ARG B 154 -32.68 -5.91 23.40
CA ARG B 154 -32.34 -7.26 22.96
C ARG B 154 -33.40 -8.28 23.37
N ILE B 155 -34.24 -7.97 24.34
CA ILE B 155 -35.36 -8.84 24.69
C ILE B 155 -36.56 -8.59 23.78
N LYS B 156 -36.88 -7.31 23.54
CA LYS B 156 -37.97 -7.01 22.61
C LYS B 156 -37.65 -7.49 21.21
N GLN B 157 -36.37 -7.54 20.84
CA GLN B 157 -35.96 -8.16 19.59
C GLN B 157 -35.87 -9.68 19.71
N GLY B 158 -35.86 -10.22 20.94
CA GLY B 158 -35.93 -11.65 21.16
C GLY B 158 -34.63 -12.32 21.53
N TRP B 159 -33.52 -11.59 21.56
CA TRP B 159 -32.23 -12.20 21.87
C TRP B 159 -32.23 -12.73 23.30
N THR B 160 -31.47 -13.81 23.51
CA THR B 160 -31.38 -14.47 24.81
C THR B 160 -29.92 -14.65 25.17
N TYR B 161 -29.68 -15.03 26.43
CA TYR B 161 -28.32 -15.33 26.84
C TYR B 161 -27.83 -16.61 26.18
N GLY B 162 -26.65 -16.55 25.58
CA GLY B 162 -25.98 -17.72 25.05
C GLY B 162 -24.59 -17.87 25.64
N ILE B 163 -23.95 -18.98 25.27
CA ILE B 163 -22.54 -19.14 25.62
C ILE B 163 -21.66 -18.38 24.65
N GLN B 164 -22.15 -18.18 23.42
CA GLN B 164 -21.35 -17.63 22.33
C GLN B 164 -22.26 -16.80 21.44
N GLN B 165 -21.77 -15.65 21.01
CA GLN B 165 -22.57 -14.73 20.19
C GLN B 165 -23.01 -15.38 18.89
N ASP B 166 -24.31 -15.65 18.77
CA ASP B 166 -24.90 -16.13 17.53
C ASP B 166 -25.35 -14.95 16.70
N LEU B 167 -24.93 -14.93 15.43
CA LEU B 167 -25.11 -13.77 14.56
C LEU B 167 -26.56 -13.31 14.55
N LYS B 168 -27.49 -14.20 14.16
CA LYS B 168 -28.91 -13.93 14.28
C LYS B 168 -29.65 -15.17 14.78
N ASN B 169 -28.94 -16.12 15.39
CA ASN B 169 -29.53 -17.33 15.92
C ASN B 169 -30.00 -17.16 17.37
N LYS B 170 -30.25 -15.91 17.78
CA LYS B 170 -31.00 -15.58 19.01
C LYS B 170 -30.19 -15.75 20.29
N ARG B 171 -28.86 -15.66 20.26
CA ARG B 171 -28.07 -15.94 21.45
C ARG B 171 -26.90 -14.98 21.55
N ASN B 172 -26.76 -14.35 22.73
CA ASN B 172 -25.68 -13.42 23.02
C ASN B 172 -25.10 -13.76 24.39
N PRO B 173 -23.78 -13.85 24.53
CA PRO B 173 -23.22 -14.15 25.86
C PRO B 173 -23.35 -13.01 26.85
N ARG B 174 -23.18 -11.77 26.39
CA ARG B 174 -23.18 -10.61 27.27
C ARG B 174 -24.58 -10.12 27.61
N LEU B 175 -25.60 -10.93 27.38
CA LEU B 175 -26.96 -10.64 27.85
C LEU B 175 -27.08 -11.06 29.32
N VAL B 176 -26.16 -10.54 30.12
CA VAL B 176 -26.07 -10.89 31.54
C VAL B 176 -26.21 -9.59 32.34
N PRO B 177 -26.56 -9.68 33.63
CA PRO B 177 -26.58 -8.47 34.45
C PRO B 177 -25.22 -7.77 34.44
N TYR B 178 -25.25 -6.46 34.66
CA TYR B 178 -24.01 -5.69 34.66
C TYR B 178 -23.05 -6.21 35.72
N ALA B 179 -23.57 -6.83 36.77
CA ALA B 179 -22.71 -7.40 37.80
C ALA B 179 -21.85 -8.52 37.24
N LEU B 180 -22.47 -9.42 36.47
CA LEU B 180 -21.76 -10.58 35.94
C LEU B 180 -20.90 -10.25 34.72
N LEU B 181 -21.04 -9.05 34.17
CA LEU B 181 -20.32 -8.64 32.98
C LEU B 181 -18.80 -8.64 33.25
N ASP B 182 -18.03 -8.55 32.17
CA ASP B 182 -16.59 -8.44 32.30
C ASP B 182 -16.19 -6.98 32.48
N GLU B 183 -15.08 -6.77 33.19
CA GLU B 183 -14.54 -5.43 33.37
C GLU B 183 -14.05 -4.82 32.07
N ARG B 184 -13.94 -5.61 31.00
CA ARG B 184 -13.54 -5.04 29.72
C ARG B 184 -14.69 -4.29 29.06
N THR B 185 -15.85 -4.95 28.94
CA THR B 185 -17.03 -4.29 28.39
C THR B 185 -17.53 -3.18 29.28
N LYS B 186 -17.34 -3.30 30.59
CA LYS B 186 -17.73 -2.22 31.49
C LYS B 186 -16.90 -0.96 31.24
N LYS B 187 -15.57 -1.10 31.29
CA LYS B 187 -14.71 0.05 31.01
C LYS B 187 -14.88 0.53 29.57
N SER B 188 -15.26 -0.38 28.67
CA SER B 188 -15.51 0.00 27.28
C SER B 188 -16.72 0.93 27.19
N ASN B 189 -17.90 0.46 27.61
CA ASN B 189 -19.08 1.29 27.56
C ASN B 189 -18.96 2.53 28.41
N ARG B 190 -18.23 2.44 29.53
CA ARG B 190 -17.99 3.62 30.36
C ARG B 190 -17.18 4.67 29.60
N ASP B 191 -16.13 4.24 28.90
CA ASP B 191 -15.37 5.19 28.08
C ASP B 191 -16.16 5.62 26.86
N SER B 192 -17.07 4.79 26.37
CA SER B 192 -17.94 5.22 25.28
C SER B 192 -18.79 6.40 25.71
N LEU B 193 -19.28 6.39 26.94
CA LEU B 193 -20.08 7.49 27.46
C LEU B 193 -19.22 8.52 28.19
N ARG B 194 -17.94 8.23 28.42
CA ARG B 194 -17.03 9.28 28.86
C ARG B 194 -16.79 10.28 27.75
N GLU B 195 -16.65 9.80 26.52
CA GLU B 195 -16.44 10.69 25.38
C GLU B 195 -17.70 11.47 25.03
N ALA B 196 -18.87 10.87 25.25
CA ALA B 196 -20.12 11.56 24.94
C ALA B 196 -20.32 12.77 25.85
N VAL B 197 -20.00 12.62 27.13
CA VAL B 197 -20.02 13.78 28.02
C VAL B 197 -18.92 14.75 27.63
N ARG B 198 -17.73 14.22 27.27
CA ARG B 198 -16.68 15.08 26.72
C ARG B 198 -17.17 15.87 25.51
N THR B 199 -18.16 15.33 24.80
CA THR B 199 -18.67 16.00 23.60
C THR B 199 -19.56 17.19 23.96
N PHE B 200 -20.34 17.05 25.03
CA PHE B 200 -21.21 18.15 25.46
C PHE B 200 -20.39 19.39 25.79
N VAL B 201 -19.20 19.20 26.37
CA VAL B 201 -18.37 20.33 26.80
C VAL B 201 -17.64 20.95 25.61
N GLY B 202 -17.21 20.12 24.66
CA GLY B 202 -16.50 20.66 23.50
C GLY B 202 -17.33 21.67 22.74
N TYR B 203 -18.63 21.43 22.61
CA TYR B 203 -19.53 22.40 21.99
C TYR B 203 -19.96 23.50 22.94
N GLY B 204 -19.55 23.44 24.20
CA GLY B 204 -19.77 24.52 25.14
C GLY B 204 -20.99 24.41 26.02
N TYR B 205 -21.50 23.21 26.26
CA TYR B 205 -22.67 23.05 27.10
C TYR B 205 -22.24 22.77 28.54
N ASN B 206 -23.21 22.71 29.46
CA ASN B 206 -22.95 22.58 30.88
C ASN B 206 -23.88 21.54 31.49
N ILE B 207 -23.30 20.52 32.11
CA ILE B 207 -24.05 19.51 32.86
C ILE B 207 -23.82 19.80 34.34
N GLU B 208 -24.78 20.48 34.97
CA GLU B 208 -24.75 20.69 36.41
C GLU B 208 -26.14 20.36 36.93
N PRO B 209 -26.27 19.42 37.86
CA PRO B 209 -27.59 19.07 38.40
C PRO B 209 -28.36 20.29 38.88
N SER B 210 -29.64 20.32 38.52
CA SER B 210 -30.51 21.46 38.80
C SER B 210 -30.75 21.65 40.30
N ALA C 3 23.31 -2.10 -30.59
CA ALA C 3 22.23 -2.38 -31.52
C ALA C 3 22.07 -1.22 -32.51
N SER C 4 21.04 -0.41 -32.32
CA SER C 4 20.88 0.80 -33.11
C SER C 4 20.20 1.88 -32.28
N PHE C 5 20.42 3.11 -32.74
CA PHE C 5 20.17 4.36 -32.05
C PHE C 5 19.99 5.39 -33.16
N ILE C 6 19.15 6.40 -32.95
CA ILE C 6 18.35 6.63 -31.76
C ILE C 6 16.89 6.36 -32.08
N PRO C 7 16.16 5.72 -31.17
CA PRO C 7 14.70 5.71 -31.31
C PRO C 7 14.16 7.12 -31.09
N CYS C 8 13.26 7.52 -31.95
CA CYS C 8 12.78 8.87 -31.89
C CYS C 8 11.89 9.02 -30.66
N PRO C 9 12.20 9.96 -29.77
CA PRO C 9 11.28 10.23 -28.65
C PRO C 9 9.96 10.82 -29.13
N VAL C 10 9.01 10.86 -28.20
CA VAL C 10 7.74 11.50 -28.50
C VAL C 10 7.97 12.98 -28.80
N ASP C 11 7.19 13.52 -29.72
CA ASP C 11 7.29 14.92 -30.06
C ASP C 11 6.51 15.75 -29.04
N THR C 12 7.19 16.65 -28.37
CA THR C 12 6.58 17.50 -27.34
C THR C 12 6.48 18.96 -27.77
N SER C 13 6.98 19.31 -28.97
CA SER C 13 6.88 20.69 -29.42
C SER C 13 5.43 21.11 -29.62
N GLN C 14 4.54 20.15 -29.86
CA GLN C 14 3.14 20.46 -30.12
C GLN C 14 2.30 20.51 -28.85
N VAL C 15 2.49 19.56 -27.94
CA VAL C 15 1.67 19.47 -26.74
C VAL C 15 2.08 20.59 -25.78
N ILE C 16 1.10 21.41 -25.39
CA ILE C 16 1.34 22.55 -24.51
C ILE C 16 0.71 22.24 -23.15
N LEU C 17 1.43 22.60 -22.09
CA LEU C 17 0.98 22.29 -20.75
C LEU C 17 -0.18 23.20 -20.35
N PRO C 18 -1.23 22.65 -19.75
CA PRO C 18 -2.34 23.49 -19.30
C PRO C 18 -2.04 24.15 -17.97
N PRO C 19 -2.70 25.26 -17.64
CA PRO C 19 -2.42 25.94 -16.37
C PRO C 19 -2.82 25.15 -15.13
N HIS C 20 -3.85 24.29 -15.22
CA HIS C 20 -4.27 23.54 -14.05
C HIS C 20 -3.24 22.49 -13.62
N LEU C 21 -2.11 22.39 -14.33
CA LEU C 21 -0.98 21.57 -13.90
C LEU C 21 0.28 22.42 -13.73
N GLU C 22 0.13 23.74 -13.54
CA GLU C 22 1.28 24.63 -13.47
C GLU C 22 2.01 24.50 -12.14
N LYS C 23 1.29 24.15 -11.06
CA LYS C 23 1.85 24.02 -9.72
C LYS C 23 2.48 22.65 -9.47
N ILE C 24 1.89 21.59 -10.02
CA ILE C 24 2.45 20.26 -9.82
C ILE C 24 3.82 20.12 -10.49
N ARG C 25 4.13 20.99 -11.46
CA ARG C 25 5.47 21.03 -12.02
C ARG C 25 6.43 21.75 -11.07
N ASP C 26 5.98 22.83 -10.43
CA ASP C 26 6.81 23.52 -9.46
C ASP C 26 7.12 22.63 -8.26
N ARG C 27 6.14 21.84 -7.82
CA ARG C 27 6.36 20.95 -6.69
C ARG C 27 7.27 19.77 -7.05
N LEU C 28 7.34 19.40 -8.34
CA LEU C 28 8.22 18.33 -8.77
C LEU C 28 9.62 18.82 -9.10
N ALA C 29 9.71 19.99 -9.77
CA ALA C 29 11.02 20.56 -10.06
C ALA C 29 11.86 20.73 -8.81
N GLU C 30 11.22 20.99 -7.67
CA GLU C 30 11.96 21.08 -6.42
C GLU C 30 12.40 19.70 -5.93
N ASN C 31 11.62 18.66 -6.21
CA ASN C 31 11.96 17.33 -5.71
C ASN C 31 13.08 16.69 -6.51
N ILE C 32 13.24 17.07 -7.79
CA ILE C 32 14.38 16.60 -8.55
C ILE C 32 15.69 17.02 -7.89
N HIS C 33 15.67 18.17 -7.21
CA HIS C 33 16.87 18.72 -6.58
C HIS C 33 17.10 18.16 -5.18
N GLU C 34 16.04 18.04 -4.37
CA GLU C 34 16.21 17.44 -3.06
C GLU C 34 16.69 16.00 -3.18
N LEU C 35 16.22 15.29 -4.20
CA LEU C 35 16.75 13.97 -4.51
C LEU C 35 18.10 14.04 -5.21
N TRP C 36 18.39 15.16 -5.87
CA TRP C 36 19.74 15.36 -6.40
C TRP C 36 20.75 15.54 -5.28
N GLY C 37 20.32 16.07 -4.12
CA GLY C 37 21.25 16.30 -3.02
C GLY C 37 21.48 15.11 -2.12
N MSE C 38 20.62 14.10 -2.19
CA MSE C 38 20.78 12.90 -1.41
C MSE C 38 21.90 12.04 -1.99
O MSE C 38 22.75 11.54 -1.25
CB MSE C 38 19.48 12.10 -1.35
CG MSE C 38 18.53 12.53 -0.24
SE MSE C 38 17.13 11.21 0.05
CE MSE C 38 18.24 9.66 0.44
N ASN C 39 21.88 11.88 -3.31
CA ASN C 39 22.89 11.05 -3.97
C ASN C 39 24.27 11.69 -3.90
N LYS C 40 24.33 13.02 -3.84
CA LYS C 40 25.60 13.72 -3.83
C LYS C 40 26.33 13.66 -2.48
N ILE C 41 25.69 13.20 -1.42
CA ILE C 41 26.32 13.22 -0.09
C ILE C 41 27.10 11.94 0.17
N GLU C 42 26.54 10.77 -0.19
CA GLU C 42 27.21 9.50 0.05
C GLU C 42 28.54 9.39 -0.69
N LEU C 43 28.64 9.99 -1.88
CA LEU C 43 29.69 9.60 -2.83
C LEU C 43 31.09 10.12 -2.47
N GLY C 44 31.28 11.42 -2.19
CA GLY C 44 30.27 12.45 -2.03
C GLY C 44 30.88 13.83 -2.14
N TRP C 45 30.03 14.86 -2.15
CA TRP C 45 30.48 16.24 -2.31
C TRP C 45 29.85 17.07 -1.20
N THR C 46 30.63 17.99 -0.62
CA THR C 46 30.09 19.00 0.26
C THR C 46 29.96 20.31 -0.53
N PHE C 47 29.52 21.36 0.15
CA PHE C 47 29.26 22.64 -0.51
C PHE C 47 30.50 23.51 -0.49
N GLY C 48 31.02 23.81 -1.68
CA GLY C 48 32.02 24.86 -1.85
C GLY C 48 31.49 25.91 -2.80
N LYS C 49 32.04 27.12 -2.76
CA LYS C 49 31.52 28.19 -3.61
C LYS C 49 31.78 27.94 -5.09
N ILE C 50 32.78 27.12 -5.42
CA ILE C 50 33.08 26.76 -6.80
C ILE C 50 33.20 25.25 -6.92
N ARG C 51 33.07 24.77 -8.16
CA ARG C 51 33.10 23.35 -8.44
C ARG C 51 34.54 22.88 -8.46
N ASP C 52 34.92 22.09 -7.46
CA ASP C 52 36.27 21.54 -7.35
C ASP C 52 36.18 20.03 -7.44
N ASP C 53 36.88 19.44 -8.40
CA ASP C 53 36.92 17.99 -8.55
C ASP C 53 38.11 17.36 -7.83
N ASN C 54 39.24 18.07 -7.78
CA ASN C 54 40.36 17.59 -6.96
C ASN C 54 39.96 17.50 -5.49
N LYS C 55 39.04 18.35 -5.05
CA LYS C 55 38.53 18.31 -3.69
C LYS C 55 37.08 17.85 -3.60
N ARG C 56 36.46 17.53 -4.73
CA ARG C 56 35.14 16.88 -4.79
C ARG C 56 34.06 17.69 -4.08
N GLN C 57 33.80 18.89 -4.60
CA GLN C 57 32.82 19.79 -4.02
C GLN C 57 32.09 20.55 -5.13
N HIS C 58 30.81 20.83 -4.89
CA HIS C 58 29.90 21.39 -5.88
C HIS C 58 29.26 22.67 -5.35
N PRO C 59 28.94 23.62 -6.24
CA PRO C 59 28.42 24.92 -5.79
C PRO C 59 26.90 25.06 -5.76
N CYS C 60 26.13 24.04 -6.14
CA CYS C 60 24.66 24.16 -6.16
C CYS C 60 24.00 23.28 -5.11
N LEU C 61 24.74 22.84 -4.10
CA LEU C 61 24.21 22.00 -3.03
C LEU C 61 23.60 22.87 -1.92
N VAL C 62 22.55 23.58 -2.29
CA VAL C 62 21.89 24.49 -1.37
C VAL C 62 20.45 24.69 -1.85
N GLU C 63 19.66 25.44 -1.07
CA GLU C 63 18.20 25.43 -1.22
C GLU C 63 17.77 25.76 -2.64
N PHE C 64 16.68 25.11 -3.07
CA PHE C 64 16.16 25.29 -4.42
C PHE C 64 15.95 26.76 -4.74
N SER C 65 15.45 27.53 -3.78
CA SER C 65 15.29 28.97 -4.01
C SER C 65 16.61 29.63 -4.37
N LYS C 66 17.68 29.27 -3.68
CA LYS C 66 19.01 29.82 -3.94
C LYS C 66 19.66 28.97 -5.03
N LEU C 67 19.42 29.35 -6.28
CA LEU C 67 19.99 28.67 -7.43
C LEU C 67 20.08 29.65 -8.59
N PRO C 68 21.05 29.48 -9.48
CA PRO C 68 21.09 30.34 -10.69
C PRO C 68 19.86 30.12 -11.54
N GLU C 69 19.46 31.18 -12.25
CA GLU C 69 18.25 31.13 -13.07
C GLU C 69 18.38 30.10 -14.18
N THR C 70 19.58 29.91 -14.73
CA THR C 70 19.81 28.92 -15.76
C THR C 70 20.25 27.57 -15.20
N GLU C 71 20.40 27.47 -13.87
CA GLU C 71 20.67 26.18 -13.23
C GLU C 71 19.42 25.54 -12.66
N LYS C 72 18.37 26.33 -12.41
CA LYS C 72 17.09 25.81 -11.93
C LYS C 72 16.00 25.82 -12.98
N ASN C 73 16.18 26.58 -14.06
CA ASN C 73 15.31 26.41 -15.23
C ASN C 73 15.35 24.97 -15.72
N TYR C 74 16.51 24.32 -15.60
CA TYR C 74 16.65 22.94 -16.00
C TYR C 74 15.69 22.04 -15.24
N ASN C 75 15.55 22.24 -13.92
CA ASN C 75 14.67 21.39 -13.13
C ASN C 75 13.20 21.65 -13.44
N LEU C 76 12.85 22.92 -13.65
CA LEU C 76 11.46 23.25 -14.01
C LEU C 76 11.14 22.80 -15.42
N GLN C 77 12.09 22.92 -16.34
CA GLN C 77 11.86 22.50 -17.72
C GLN C 77 11.73 20.99 -17.82
N MSE C 78 12.59 20.26 -17.13
CA MSE C 78 12.54 18.80 -17.14
C MSE C 78 11.24 18.31 -16.50
O MSE C 78 10.67 17.30 -16.93
CB MSE C 78 13.74 18.20 -16.42
CG MSE C 78 15.03 18.25 -17.23
SE MSE C 78 14.79 17.59 -19.05
CE MSE C 78 16.66 17.47 -19.60
N SER C 79 10.78 19.04 -15.48
CA SER C 79 9.51 18.69 -14.86
C SER C 79 8.35 18.89 -15.83
N THR C 80 8.44 19.90 -16.68
CA THR C 80 7.36 20.15 -17.64
C THR C 80 7.39 19.13 -18.76
N GLU C 81 8.58 18.83 -19.29
CA GLU C 81 8.67 17.83 -20.36
C GLU C 81 8.22 16.46 -19.86
N THR C 82 8.52 16.14 -18.61
CA THR C 82 8.02 14.90 -18.03
C THR C 82 6.49 14.87 -18.02
N LEU C 83 5.87 15.99 -17.63
CA LEU C 83 4.42 16.09 -17.71
C LEU C 83 3.96 16.17 -19.16
N LYS C 84 4.68 16.93 -20.00
CA LYS C 84 4.32 17.01 -21.41
C LYS C 84 4.34 15.64 -22.06
N THR C 85 5.13 14.71 -21.51
CA THR C 85 5.22 13.37 -22.07
C THR C 85 3.97 12.57 -21.75
N LEU C 86 3.58 12.52 -20.47
CA LEU C 86 2.37 11.81 -20.09
C LEU C 86 1.17 12.34 -20.85
N LEU C 87 1.04 13.65 -20.97
CA LEU C 87 -0.01 14.23 -21.79
C LEU C 87 0.08 13.73 -23.22
N ALA C 88 1.28 13.79 -23.81
CA ALA C 88 1.48 13.34 -25.18
C ALA C 88 1.41 11.82 -25.32
N LEU C 89 1.43 11.08 -24.22
CA LEU C 89 1.40 9.62 -24.32
C LEU C 89 -0.01 9.07 -24.49
N GLY C 90 -1.04 9.89 -24.32
CA GLY C 90 -2.41 9.45 -24.51
C GLY C 90 -3.29 9.57 -23.28
N CYS C 91 -2.75 10.04 -22.16
CA CYS C 91 -3.51 10.18 -20.94
C CYS C 91 -3.53 11.64 -20.51
N HIS C 92 -4.41 11.93 -19.55
CA HIS C 92 -4.53 13.27 -19.00
C HIS C 92 -4.43 13.17 -17.49
N ILE C 93 -3.46 13.89 -16.92
CA ILE C 93 -3.33 13.97 -15.48
C ILE C 93 -4.47 14.80 -14.91
N ALA C 94 -4.98 14.39 -13.75
CA ALA C 94 -6.07 15.10 -13.09
C ALA C 94 -5.97 14.89 -11.60
N HIS C 95 -6.76 15.67 -10.86
CA HIS C 95 -6.74 15.68 -9.40
C HIS C 95 -7.98 14.95 -8.88
N VAL C 96 -7.76 14.01 -7.96
CA VAL C 96 -8.86 13.19 -7.46
C VAL C 96 -8.91 13.17 -5.94
N ASN C 97 -7.78 12.91 -5.29
CA ASN C 97 -7.77 12.72 -3.84
C ASN C 97 -7.29 13.99 -3.16
N PRO C 98 -8.15 14.69 -2.41
CA PRO C 98 -7.73 15.95 -1.76
C PRO C 98 -6.91 15.72 -0.50
N ALA C 99 -7.24 14.64 0.23
CA ALA C 99 -6.63 14.41 1.54
C ALA C 99 -5.17 14.01 1.44
N ALA C 100 -4.79 13.30 0.37
CA ALA C 100 -3.44 12.75 0.29
C ALA C 100 -2.38 13.84 0.35
N GLU C 101 -2.66 15.00 -0.25
CA GLU C 101 -1.72 16.12 -0.18
C GLU C 101 -1.60 16.65 1.25
N GLU C 102 -2.67 16.60 2.02
CA GLU C 102 -2.69 17.23 3.34
C GLU C 102 -1.71 16.55 4.30
N ASP C 103 -1.56 15.23 4.22
N ASP C 103 -1.50 15.25 4.13
CA ASP C 103 -0.64 14.58 5.14
CA ASP C 103 -0.72 14.42 5.06
C ASP C 103 0.55 14.03 4.39
C ASP C 103 0.65 14.05 4.50
N LEU C 104 1.24 14.90 3.65
CA LEU C 104 2.45 14.56 2.92
C LEU C 104 3.65 15.18 3.66
N LYS C 105 4.23 14.41 4.58
CA LYS C 105 5.48 14.79 5.23
C LYS C 105 6.67 14.36 4.36
N LYS C 106 7.78 15.08 4.54
CA LYS C 106 8.91 15.04 3.60
C LYS C 106 10.24 14.87 4.35
N VAL C 107 10.77 13.65 4.35
CA VAL C 107 12.18 13.34 4.64
C VAL C 107 12.51 12.02 3.95
N LYS C 111 22.90 13.82 12.66
CA LYS C 111 22.61 14.54 11.42
C LYS C 111 23.77 14.41 10.45
N ASN C 112 24.05 13.16 10.04
CA ASN C 112 25.16 12.90 9.13
C ASN C 112 24.97 13.63 7.80
N TYR C 113 23.73 13.83 7.39
CA TYR C 113 23.40 14.53 6.15
C TYR C 113 23.38 16.04 6.30
N MSE C 114 23.72 16.57 7.47
CA MSE C 114 23.85 18.01 7.64
C MSE C 114 24.95 18.53 6.73
O MSE C 114 26.10 18.14 6.85
CB MSE C 114 24.15 18.37 9.10
CG MSE C 114 24.06 19.85 9.40
SE MSE C 114 22.49 20.66 8.56
CE MSE C 114 22.39 22.29 9.63
N MSE C 115 24.58 19.42 5.81
CA MSE C 115 25.50 19.84 4.76
C MSE C 115 26.07 21.23 5.00
O MSE C 115 25.38 22.11 5.53
CB MSE C 115 24.81 19.77 3.40
CG MSE C 115 25.37 18.71 2.52
SE MSE C 115 27.28 18.97 2.41
CE MSE C 115 27.77 17.09 2.31
N SER C 116 27.34 21.43 4.62
CA SER C 116 27.99 22.72 4.75
C SER C 116 27.13 23.80 4.11
N ASN C 117 27.11 24.97 4.75
CA ASN C 117 26.10 26.01 4.57
C ASN C 117 24.73 25.61 5.11
N GLY C 118 24.66 24.63 6.02
CA GLY C 118 23.40 24.30 6.69
C GLY C 118 22.28 23.84 5.78
N TYR C 119 22.56 23.47 4.53
CA TYR C 119 21.52 22.93 3.69
C TYR C 119 21.19 21.50 4.09
N LYS C 120 19.91 21.20 4.17
CA LYS C 120 19.51 19.82 4.40
C LYS C 120 18.40 19.48 3.42
N PRO C 121 18.55 18.43 2.61
CA PRO C 121 17.49 18.10 1.66
C PRO C 121 16.20 17.75 2.40
N ALA C 122 15.09 18.26 1.89
CA ALA C 122 13.76 17.97 2.42
C ALA C 122 12.91 17.28 1.34
N PRO C 123 13.33 16.10 0.88
CA PRO C 123 12.56 15.43 -0.17
C PRO C 123 11.36 14.71 0.42
N LEU C 124 10.31 14.65 -0.37
CA LEU C 124 9.11 13.92 0.05
C LEU C 124 9.45 12.48 0.38
N ASP C 125 8.81 11.95 1.42
CA ASP C 125 9.06 10.56 1.81
C ASP C 125 8.70 9.61 0.67
N LEU C 126 7.43 9.64 0.25
CA LEU C 126 6.92 8.84 -0.88
C LEU C 126 7.19 7.34 -0.70
N SER C 127 7.48 6.90 0.52
CA SER C 127 7.73 5.48 0.74
C SER C 127 6.42 4.70 0.69
N ASP C 128 5.41 5.13 1.45
CA ASP C 128 4.13 4.45 1.46
C ASP C 128 3.32 4.64 0.19
N VAL C 129 3.80 5.46 -0.76
CA VAL C 129 3.09 5.67 -2.01
C VAL C 129 3.41 4.52 -2.95
N LYS C 130 2.92 3.33 -2.62
CA LYS C 130 3.06 2.19 -3.53
C LYS C 130 2.26 2.45 -4.79
N LEU C 131 2.88 2.21 -5.93
CA LEU C 131 2.31 2.56 -7.23
C LEU C 131 1.56 1.39 -7.84
N LEU C 132 0.44 1.69 -8.48
CA LEU C 132 -0.38 0.69 -9.11
C LEU C 132 0.31 0.14 -10.35
N PRO C 133 -0.11 -1.04 -10.81
CA PRO C 133 0.48 -1.64 -12.02
C PRO C 133 0.41 -0.73 -13.23
N PRO C 134 -0.76 -0.13 -13.56
CA PRO C 134 -0.79 0.72 -14.76
C PRO C 134 0.12 1.91 -14.69
N GLN C 135 0.47 2.37 -13.49
CA GLN C 135 1.36 3.51 -13.35
C GLN C 135 2.82 3.08 -13.23
N GLU C 136 3.08 1.90 -12.69
CA GLU C 136 4.45 1.36 -12.67
C GLU C 136 4.98 1.06 -14.06
N ILE C 137 4.16 1.22 -15.09
CA ILE C 137 4.62 1.07 -16.47
C ILE C 137 4.93 2.41 -17.09
N LEU C 138 4.13 3.42 -16.77
CA LEU C 138 4.49 4.78 -17.17
C LEU C 138 5.86 5.15 -16.62
N VAL C 139 6.26 4.52 -15.50
CA VAL C 139 7.63 4.68 -15.02
C VAL C 139 8.61 4.12 -16.03
N ASP C 140 8.28 2.97 -16.63
CA ASP C 140 9.17 2.36 -17.61
C ASP C 140 9.17 3.14 -18.93
N LYS C 141 7.98 3.52 -19.40
CA LYS C 141 7.91 4.28 -20.65
C LYS C 141 8.66 5.60 -20.54
N LEU C 142 8.57 6.26 -19.38
CA LEU C 142 9.31 7.49 -19.19
C LEU C 142 10.81 7.21 -19.01
N ALA C 143 11.15 6.20 -18.22
CA ALA C 143 12.56 5.89 -18.00
C ALA C 143 13.27 5.55 -19.29
N GLU C 144 12.61 4.76 -20.14
CA GLU C 144 13.18 4.44 -21.45
C GLU C 144 13.21 5.67 -22.35
N ASN C 145 12.20 6.53 -22.23
CA ASN C 145 12.18 7.74 -23.05
C ASN C 145 13.16 8.78 -22.54
N ALA C 146 13.28 8.90 -21.21
CA ALA C 146 14.28 9.81 -20.65
C ALA C 146 15.68 9.47 -21.14
N HIS C 147 15.94 8.17 -21.35
CA HIS C 147 17.23 7.77 -21.93
C HIS C 147 17.39 8.30 -23.34
N ASN C 148 16.30 8.32 -24.11
CA ASN C 148 16.39 8.74 -25.51
C ASN C 148 16.60 10.24 -25.62
N VAL C 149 15.83 11.03 -24.87
CA VAL C 149 15.96 12.48 -24.95
C VAL C 149 17.33 12.92 -24.48
N TRP C 150 17.91 12.22 -23.50
CA TRP C 150 19.26 12.55 -23.04
C TRP C 150 20.29 12.18 -24.10
N ALA C 151 20.08 11.07 -24.81
CA ALA C 151 21.04 10.59 -25.80
C ALA C 151 20.86 11.27 -27.15
N LYS C 152 19.62 11.51 -27.58
CA LYS C 152 19.40 12.25 -28.82
C LYS C 152 20.03 13.62 -28.73
N ASP C 153 19.91 14.26 -27.57
CA ASP C 153 20.59 15.53 -27.36
C ASP C 153 22.10 15.35 -27.45
N ARG C 154 22.60 14.24 -26.93
CA ARG C 154 24.05 13.99 -26.95
C ARG C 154 24.58 13.88 -28.38
N ILE C 155 24.03 12.93 -29.14
CA ILE C 155 24.68 12.50 -30.38
C ILE C 155 24.81 13.62 -31.39
N LYS C 156 23.88 14.59 -31.37
CA LYS C 156 23.94 15.71 -32.31
C LYS C 156 24.84 16.85 -31.85
N GLN C 157 25.42 16.76 -30.64
CA GLN C 157 26.28 17.83 -30.14
C GLN C 157 27.72 17.77 -30.68
N GLY C 158 28.39 16.61 -30.67
CA GLY C 158 27.86 15.32 -30.28
C GLY C 158 28.80 14.30 -29.68
N TRP C 159 28.23 13.34 -28.96
CA TRP C 159 28.97 12.22 -28.39
C TRP C 159 28.62 10.94 -29.14
N THR C 160 29.54 9.99 -29.11
CA THR C 160 29.33 8.67 -29.70
C THR C 160 29.70 7.60 -28.68
N TYR C 161 29.31 6.36 -28.96
CA TYR C 161 29.56 5.28 -28.01
C TYR C 161 31.02 4.90 -27.99
N GLY C 162 31.60 4.88 -26.79
CA GLY C 162 32.96 4.39 -26.61
C GLY C 162 33.00 3.39 -25.47
N ILE C 163 34.12 2.66 -25.38
CA ILE C 163 34.24 1.65 -24.34
C ILE C 163 34.43 2.27 -22.96
N GLN C 164 34.90 3.51 -22.90
CA GLN C 164 35.05 4.24 -21.64
C GLN C 164 34.84 5.72 -21.92
N GLN C 165 34.70 6.51 -20.86
CA GLN C 165 34.37 7.92 -21.01
C GLN C 165 35.63 8.76 -20.95
N ASP C 166 35.86 9.53 -22.01
CA ASP C 166 36.90 10.56 -22.08
C ASP C 166 36.16 11.88 -22.26
N LEU C 167 35.93 12.57 -21.14
CA LEU C 167 35.20 13.84 -21.17
C LEU C 167 35.87 14.86 -22.07
N LYS C 168 37.15 14.67 -22.39
CA LYS C 168 37.86 15.59 -23.27
C LYS C 168 37.46 15.45 -24.72
N ASN C 169 37.04 14.25 -25.16
CA ASN C 169 36.69 14.08 -26.57
C ASN C 169 35.43 13.24 -26.78
N LYS C 170 34.46 13.38 -25.88
CA LYS C 170 33.07 12.96 -26.10
C LYS C 170 32.96 11.49 -26.53
N ARG C 171 33.14 10.62 -25.55
CA ARG C 171 32.82 9.20 -25.67
C ARG C 171 32.18 8.76 -24.37
N ASN C 172 31.00 8.15 -24.44
CA ASN C 172 30.29 7.70 -23.26
C ASN C 172 29.80 6.28 -23.50
N PRO C 173 30.13 5.33 -22.62
CA PRO C 173 29.65 3.94 -22.81
C PRO C 173 28.18 3.75 -22.52
N ARG C 174 27.43 4.79 -22.17
CA ARG C 174 26.00 4.69 -21.96
C ARG C 174 25.18 5.07 -23.18
N LEU C 175 25.83 5.44 -24.28
CA LEU C 175 25.15 5.75 -25.53
C LEU C 175 24.79 4.44 -26.25
N VAL C 176 23.87 3.71 -25.62
CA VAL C 176 23.38 2.44 -26.13
C VAL C 176 21.89 2.37 -25.96
N PRO C 177 21.19 1.53 -26.72
CA PRO C 177 19.76 1.31 -26.48
C PRO C 177 19.49 0.87 -25.05
N TYR C 178 18.26 1.14 -24.60
CA TYR C 178 17.93 0.90 -23.20
C TYR C 178 18.06 -0.58 -22.83
N ALA C 179 17.85 -1.47 -23.80
CA ALA C 179 18.05 -2.89 -23.51
C ALA C 179 19.50 -3.21 -23.16
N LEU C 180 20.45 -2.45 -23.72
CA LEU C 180 21.88 -2.71 -23.56
C LEU C 180 22.52 -1.87 -22.46
N LEU C 181 21.81 -1.60 -21.39
CA LEU C 181 22.25 -0.68 -20.36
C LEU C 181 22.55 -1.42 -19.07
N ASP C 182 23.57 -0.95 -18.34
CA ASP C 182 23.94 -1.57 -17.07
C ASP C 182 22.85 -1.33 -16.03
N GLU C 183 22.83 -2.19 -15.01
CA GLU C 183 21.70 -2.15 -14.09
C GLU C 183 21.85 -1.06 -13.04
N ARG C 184 23.08 -0.67 -12.71
CA ARG C 184 23.26 0.41 -11.73
C ARG C 184 22.82 1.76 -12.27
N THR C 185 22.62 1.89 -13.58
CA THR C 185 22.04 3.08 -14.18
C THR C 185 20.65 2.83 -14.75
N LYS C 186 20.37 1.60 -15.17
CA LYS C 186 19.02 1.29 -15.66
C LYS C 186 17.99 1.46 -14.54
N LYS C 187 18.32 1.01 -13.33
CA LYS C 187 17.38 1.15 -12.22
C LYS C 187 17.39 2.55 -11.64
N SER C 188 18.54 3.25 -11.72
CA SER C 188 18.58 4.65 -11.32
C SER C 188 17.52 5.46 -12.06
N ASN C 189 17.41 5.24 -13.38
CA ASN C 189 16.42 5.96 -14.17
C ASN C 189 15.00 5.62 -13.71
N ARG C 190 14.73 4.34 -13.46
N ARG C 190 14.73 4.34 -13.46
CA ARG C 190 13.38 3.96 -13.04
CA ARG C 190 13.38 3.96 -13.04
C ARG C 190 13.03 4.57 -11.69
C ARG C 190 13.04 4.57 -11.69
N ASP C 191 13.98 4.53 -10.74
CA ASP C 191 13.73 5.12 -9.43
C ASP C 191 13.65 6.64 -9.51
N SER C 192 14.43 7.24 -10.41
CA SER C 192 14.36 8.68 -10.61
C SER C 192 12.98 9.10 -11.10
N LEU C 193 12.27 8.21 -11.79
CA LEU C 193 10.95 8.52 -12.30
C LEU C 193 9.82 7.86 -11.52
N ARG C 194 10.10 6.76 -10.81
CA ARG C 194 9.12 6.25 -9.87
C ARG C 194 8.80 7.29 -8.81
N GLU C 195 9.83 7.98 -8.31
CA GLU C 195 9.59 9.05 -7.35
C GLU C 195 8.86 10.22 -7.99
N ALA C 196 9.03 10.42 -9.30
CA ALA C 196 8.39 11.55 -9.98
C ALA C 196 6.89 11.34 -10.09
N VAL C 197 6.45 10.11 -10.34
CA VAL C 197 5.02 9.83 -10.39
C VAL C 197 4.44 9.81 -8.99
N ARG C 198 5.17 9.25 -8.02
CA ARG C 198 4.74 9.32 -6.63
C ARG C 198 4.57 10.75 -6.18
N THR C 199 5.35 11.67 -6.75
CA THR C 199 5.12 13.10 -6.51
C THR C 199 3.71 13.49 -6.94
N PHE C 200 3.28 13.02 -8.11
CA PHE C 200 1.93 13.32 -8.56
C PHE C 200 0.90 12.62 -7.68
N VAL C 201 1.19 11.38 -7.26
CA VAL C 201 0.27 10.67 -6.38
C VAL C 201 0.33 11.25 -4.97
N GLY C 202 1.51 11.66 -4.53
CA GLY C 202 1.62 12.27 -3.21
C GLY C 202 0.80 13.54 -3.10
N TYR C 203 0.88 14.40 -4.11
CA TYR C 203 0.04 15.59 -4.18
C TYR C 203 -1.37 15.29 -4.69
N GLY C 204 -1.73 14.01 -4.81
CA GLY C 204 -3.10 13.62 -5.08
C GLY C 204 -3.56 13.78 -6.51
N TYR C 205 -2.82 13.23 -7.47
CA TYR C 205 -3.17 13.28 -8.88
C TYR C 205 -3.46 11.88 -9.40
N ASN C 206 -4.29 11.82 -10.44
CA ASN C 206 -4.71 10.57 -11.06
C ASN C 206 -4.21 10.55 -12.50
N ILE C 207 -3.31 9.62 -12.80
CA ILE C 207 -2.75 9.46 -14.14
C ILE C 207 -3.20 8.09 -14.65
N GLU C 208 -4.25 8.07 -15.45
CA GLU C 208 -4.84 6.85 -15.98
C GLU C 208 -4.70 6.82 -17.49
N PRO C 209 -4.11 5.76 -18.07
CA PRO C 209 -3.91 5.61 -19.51
C PRO C 209 -5.21 5.67 -20.30
N PHE D 5 4.50 2.41 41.23
CA PHE D 5 3.07 2.41 40.95
C PHE D 5 2.77 2.29 39.45
N ILE D 6 3.61 1.55 38.74
CA ILE D 6 3.41 1.21 37.33
C ILE D 6 2.51 -0.03 37.26
N PRO D 7 1.49 -0.06 36.41
CA PRO D 7 0.52 -1.18 36.42
C PRO D 7 1.20 -2.50 36.14
N CYS D 8 0.44 -3.58 36.35
CA CYS D 8 1.04 -4.89 36.11
C CYS D 8 0.92 -5.29 34.64
N PRO D 9 1.94 -5.96 34.12
CA PRO D 9 1.96 -6.29 32.68
C PRO D 9 1.28 -7.62 32.36
N VAL D 10 1.29 -7.96 31.07
CA VAL D 10 0.66 -9.19 30.60
C VAL D 10 1.48 -10.39 31.08
N ASP D 11 0.78 -11.43 31.54
CA ASP D 11 1.42 -12.64 32.03
C ASP D 11 1.89 -13.47 30.84
N THR D 12 3.21 -13.57 30.66
CA THR D 12 3.80 -14.40 29.63
C THR D 12 4.47 -15.65 30.18
N SER D 13 4.37 -15.89 31.49
CA SER D 13 5.01 -17.06 32.09
C SER D 13 4.34 -18.34 31.64
N GLN D 14 3.02 -18.39 31.71
CA GLN D 14 2.24 -19.57 31.33
C GLN D 14 2.00 -19.66 29.84
N VAL D 15 2.58 -18.79 29.03
CA VAL D 15 2.29 -18.77 27.61
C VAL D 15 2.85 -20.04 26.96
N ILE D 16 2.02 -20.66 26.12
CA ILE D 16 2.46 -21.84 25.38
C ILE D 16 3.69 -21.49 24.55
N LEU D 17 4.72 -22.33 24.63
CA LEU D 17 5.93 -22.11 23.85
C LEU D 17 6.03 -23.14 22.74
N PRO D 18 5.88 -22.77 21.48
CA PRO D 18 5.93 -23.74 20.39
C PRO D 18 7.35 -23.92 19.89
N PRO D 19 7.70 -25.14 19.46
CA PRO D 19 9.01 -25.33 18.83
C PRO D 19 9.09 -24.72 17.44
N HIS D 20 7.99 -24.70 16.70
CA HIS D 20 7.98 -24.17 15.35
C HIS D 20 8.09 -22.65 15.30
N LEU D 21 8.20 -21.98 16.44
CA LEU D 21 8.39 -20.53 16.47
C LEU D 21 9.79 -20.13 16.90
N GLU D 22 10.72 -21.08 17.01
CA GLU D 22 12.08 -20.73 17.37
C GLU D 22 12.79 -20.03 16.22
N LYS D 23 12.43 -20.35 14.97
CA LYS D 23 13.00 -19.65 13.83
C LYS D 23 12.66 -18.17 13.86
N ILE D 24 11.37 -17.85 13.99
CA ILE D 24 10.95 -16.45 13.99
C ILE D 24 11.51 -15.73 15.20
N ARG D 25 11.70 -16.44 16.32
CA ARG D 25 12.27 -15.81 17.50
C ARG D 25 13.74 -15.47 17.28
N ASP D 26 14.54 -16.46 16.90
CA ASP D 26 15.96 -16.24 16.68
C ASP D 26 16.19 -15.13 15.67
N ARG D 27 15.44 -15.16 14.56
CA ARG D 27 15.63 -14.16 13.51
C ARG D 27 15.16 -12.79 13.96
N LEU D 28 14.14 -12.74 14.83
CA LEU D 28 13.72 -11.45 15.38
C LEU D 28 14.80 -10.88 16.29
N ALA D 29 15.26 -11.67 17.28
CA ALA D 29 16.31 -11.17 18.16
C ALA D 29 17.59 -10.87 17.38
N GLU D 30 17.79 -11.55 16.26
CA GLU D 30 18.95 -11.25 15.42
C GLU D 30 18.85 -9.86 14.82
N ASN D 31 17.77 -9.59 14.08
CA ASN D 31 17.57 -8.27 13.51
C ASN D 31 17.43 -7.21 14.59
N ILE D 32 16.96 -7.61 15.78
CA ILE D 32 16.98 -6.71 16.94
C ILE D 32 18.37 -6.14 17.15
N HIS D 33 19.40 -6.98 17.02
CA HIS D 33 20.75 -6.47 17.13
C HIS D 33 21.12 -5.62 15.91
N GLU D 34 20.81 -6.11 14.71
CA GLU D 34 21.22 -5.41 13.50
C GLU D 34 20.60 -4.01 13.43
N LEU D 35 19.38 -3.86 13.93
CA LEU D 35 18.76 -2.53 13.98
C LEU D 35 19.37 -1.68 15.09
N TRP D 36 19.71 -2.29 16.22
CA TRP D 36 20.31 -1.54 17.32
C TRP D 36 21.66 -0.97 16.90
N GLY D 37 22.50 -1.80 16.27
CA GLY D 37 23.81 -1.34 15.84
C GLY D 37 23.76 -0.19 14.86
N MSE D 38 22.88 -0.30 13.86
CA MSE D 38 22.74 0.75 12.85
C MSE D 38 22.43 2.10 13.46
O MSE D 38 23.15 3.07 13.24
CB MSE D 38 21.64 0.38 11.85
CG MSE D 38 21.24 1.53 10.95
SE MSE D 38 19.62 1.17 9.95
CE MSE D 38 20.35 -0.02 8.60
N ASN D 39 21.34 2.18 14.23
CA ASN D 39 20.98 3.43 14.89
C ASN D 39 22.04 3.82 15.91
N LYS D 40 22.72 2.84 16.50
CA LYS D 40 23.91 3.17 17.28
C LYS D 40 25.01 3.74 16.39
N ILE D 41 25.19 3.14 15.20
CA ILE D 41 26.22 3.62 14.28
C ILE D 41 25.81 4.92 13.62
N GLU D 42 24.54 5.02 13.20
CA GLU D 42 24.08 6.18 12.46
C GLU D 42 24.25 7.48 13.24
N LEU D 43 24.20 7.42 14.57
CA LEU D 43 24.31 8.61 15.40
C LEU D 43 25.70 8.76 16.01
N GLY D 44 26.73 8.27 15.33
CA GLY D 44 28.10 8.55 15.71
C GLY D 44 28.67 7.69 16.83
N TRP D 45 28.93 6.43 16.55
CA TRP D 45 29.51 5.52 17.53
C TRP D 45 30.56 4.63 16.87
N THR D 46 31.38 4.01 17.70
CA THR D 46 32.42 3.10 17.23
C THR D 46 32.54 1.93 18.21
N PHE D 47 33.28 0.92 17.77
CA PHE D 47 33.41 -0.33 18.52
C PHE D 47 34.29 -0.14 19.75
N GLY D 48 33.90 -0.79 20.85
CA GLY D 48 34.60 -0.63 22.11
C GLY D 48 35.23 -1.90 22.65
N LYS D 49 35.79 -1.82 23.85
CA LYS D 49 36.48 -2.96 24.45
C LYS D 49 35.51 -4.09 24.81
N ASP D 52 31.99 1.10 26.47
CA ASP D 52 32.83 1.90 27.35
C ASP D 52 32.68 3.39 27.07
N ASP D 53 32.60 4.19 28.13
CA ASP D 53 32.36 5.62 27.99
C ASP D 53 33.64 6.39 27.69
N ASN D 54 34.79 5.89 28.15
CA ASN D 54 36.01 6.69 28.17
C ASN D 54 36.36 7.27 26.81
N LYS D 55 36.02 6.57 25.73
CA LYS D 55 36.01 7.15 24.39
C LYS D 55 34.63 7.02 23.74
N ARG D 56 33.61 6.65 24.51
CA ARG D 56 32.25 6.45 24.01
C ARG D 56 32.23 5.43 22.88
N GLN D 57 32.63 4.20 23.22
CA GLN D 57 32.71 3.09 22.29
C GLN D 57 32.06 1.88 22.92
N HIS D 58 31.16 1.25 22.19
CA HIS D 58 30.41 0.14 22.77
C HIS D 58 31.11 -1.19 22.49
N PRO D 59 31.34 -2.01 23.51
CA PRO D 59 31.87 -3.36 23.24
C PRO D 59 30.91 -4.26 22.50
N CYS D 60 29.62 -3.91 22.43
CA CYS D 60 28.61 -4.78 21.86
C CYS D 60 28.31 -4.49 20.40
N LEU D 61 29.12 -3.68 19.73
CA LEU D 61 29.02 -3.50 18.29
C LEU D 61 29.66 -4.70 17.59
N VAL D 62 29.03 -5.85 17.77
CA VAL D 62 29.57 -7.14 17.42
C VAL D 62 28.53 -7.93 16.64
N GLU D 63 29.01 -8.74 15.69
CA GLU D 63 28.15 -9.71 15.03
C GLU D 63 27.41 -10.55 16.07
N PHE D 64 26.14 -10.83 15.79
CA PHE D 64 25.29 -11.51 16.77
C PHE D 64 25.91 -12.83 17.23
N SER D 65 26.49 -13.58 16.31
CA SER D 65 27.07 -14.87 16.66
C SER D 65 28.22 -14.72 17.65
N LYS D 66 28.89 -13.58 17.64
CA LYS D 66 30.03 -13.33 18.51
C LYS D 66 29.69 -12.44 19.70
N LEU D 67 28.40 -12.14 19.91
CA LEU D 67 28.01 -11.41 21.10
C LEU D 67 28.23 -12.28 22.34
N PRO D 68 28.55 -11.67 23.47
CA PRO D 68 28.68 -12.46 24.71
C PRO D 68 27.39 -13.17 25.05
N GLU D 69 27.51 -14.35 25.67
CA GLU D 69 26.36 -15.15 26.01
C GLU D 69 25.37 -14.38 26.87
N THR D 70 25.85 -13.86 28.00
CA THR D 70 24.99 -13.14 28.94
C THR D 70 24.34 -11.90 28.32
N GLU D 71 24.81 -11.45 27.16
CA GLU D 71 24.19 -10.33 26.45
C GLU D 71 23.49 -10.75 25.18
N LYS D 72 23.86 -11.88 24.57
CA LYS D 72 23.02 -12.51 23.56
C LYS D 72 21.61 -12.73 24.10
N ASN D 73 21.53 -13.31 25.30
CA ASN D 73 20.24 -13.71 25.86
C ASN D 73 19.32 -12.52 26.05
N TYR D 74 19.87 -11.33 26.33
CA TYR D 74 19.03 -10.15 26.44
C TYR D 74 18.35 -9.84 25.11
N ASN D 75 19.10 -9.96 24.00
CA ASN D 75 18.48 -9.80 22.70
C ASN D 75 17.41 -10.86 22.46
N LEU D 76 17.68 -12.09 22.92
CA LEU D 76 16.72 -13.18 22.76
C LEU D 76 15.57 -13.08 23.75
N GLN D 77 15.83 -12.56 24.95
CA GLN D 77 14.77 -12.41 25.94
C GLN D 77 13.68 -11.47 25.43
N MSE D 78 14.08 -10.34 24.87
CA MSE D 78 13.12 -9.37 24.34
C MSE D 78 12.28 -10.02 23.25
O MSE D 78 11.08 -9.76 23.14
CB MSE D 78 13.83 -8.13 23.79
CG MSE D 78 14.79 -7.47 24.76
SE MSE D 78 13.94 -6.86 26.41
CE MSE D 78 12.79 -5.46 25.68
N SER D 79 12.92 -10.87 22.45
CA SER D 79 12.22 -11.51 21.34
C SER D 79 11.16 -12.48 21.83
N THR D 80 11.37 -13.10 22.99
CA THR D 80 10.40 -14.08 23.49
C THR D 80 9.18 -13.40 24.10
N GLU D 81 9.40 -12.40 24.95
CA GLU D 81 8.29 -11.70 25.58
C GLU D 81 7.33 -11.12 24.54
N THR D 82 7.89 -10.49 23.50
CA THR D 82 7.07 -9.98 22.40
C THR D 82 6.28 -11.11 21.75
N LEU D 83 6.93 -12.26 21.54
CA LEU D 83 6.25 -13.40 20.94
C LEU D 83 5.26 -14.03 21.91
N LYS D 84 5.57 -14.05 23.20
CA LYS D 84 4.68 -14.67 24.16
C LYS D 84 3.55 -13.74 24.60
N THR D 85 3.74 -12.43 24.51
CA THR D 85 2.67 -11.50 24.86
C THR D 85 1.50 -11.62 23.89
N LEU D 86 1.80 -11.80 22.60
CA LEU D 86 0.73 -11.94 21.61
C LEU D 86 -0.09 -13.18 21.87
N LEU D 87 0.57 -14.30 22.15
CA LEU D 87 -0.15 -15.55 22.41
C LEU D 87 -1.08 -15.41 23.61
N ALA D 88 -0.71 -14.60 24.59
CA ALA D 88 -1.61 -14.34 25.71
C ALA D 88 -2.72 -13.37 25.32
N LEU D 89 -2.48 -12.53 24.31
CA LEU D 89 -3.47 -11.54 23.92
C LEU D 89 -4.62 -12.16 23.13
N GLY D 90 -4.38 -13.27 22.46
CA GLY D 90 -5.39 -13.88 21.62
C GLY D 90 -5.18 -13.68 20.13
N CYS D 91 -3.99 -13.24 19.72
CA CYS D 91 -3.67 -13.14 18.31
C CYS D 91 -3.32 -14.53 17.76
N HIS D 92 -3.31 -14.63 16.44
CA HIS D 92 -2.94 -15.87 15.76
C HIS D 92 -1.59 -15.68 15.06
N ILE D 93 -0.71 -16.65 15.23
CA ILE D 93 0.63 -16.62 14.65
C ILE D 93 0.80 -17.90 13.85
N ALA D 94 0.68 -17.80 12.52
CA ALA D 94 0.82 -18.94 11.63
C ALA D 94 1.49 -18.48 10.34
N HIS D 95 2.34 -19.33 9.79
CA HIS D 95 3.10 -19.00 8.59
C HIS D 95 2.24 -19.20 7.36
N VAL D 96 2.07 -18.16 6.56
CA VAL D 96 1.16 -18.16 5.44
C VAL D 96 1.89 -17.93 4.12
N ASN D 97 2.88 -17.04 4.12
CA ASN D 97 3.56 -16.62 2.89
C ASN D 97 5.05 -16.92 3.01
N PRO D 98 5.47 -18.14 2.70
CA PRO D 98 6.91 -18.45 2.74
C PRO D 98 7.67 -17.87 1.58
N ALA D 99 7.01 -17.63 0.44
CA ALA D 99 7.67 -17.00 -0.70
C ALA D 99 8.13 -15.58 -0.36
N ALA D 100 7.54 -14.97 0.67
CA ALA D 100 8.03 -13.68 1.14
C ALA D 100 9.47 -13.77 1.61
N GLU D 101 9.87 -14.93 2.14
CA GLU D 101 11.24 -15.09 2.61
C GLU D 101 12.23 -15.01 1.47
N GLU D 102 11.93 -15.66 0.33
CA GLU D 102 12.75 -15.49 -0.86
C GLU D 102 12.67 -14.06 -1.37
N ASP D 103 11.53 -13.41 -1.18
CA ASP D 103 11.34 -12.01 -1.52
C ASP D 103 11.90 -11.07 -0.45
N LEU D 104 12.41 -11.62 0.64
CA LEU D 104 12.92 -10.83 1.77
C LEU D 104 14.45 -10.88 1.75
N LYS D 105 15.08 -9.71 1.73
CA LYS D 105 16.52 -9.60 1.72
C LYS D 105 16.97 -8.54 2.71
N LYS D 106 18.21 -8.69 3.19
CA LYS D 106 18.79 -7.68 4.05
C LYS D 106 19.14 -6.43 3.23
N VAL D 107 19.52 -5.37 3.94
CA VAL D 107 19.92 -4.13 3.29
C VAL D 107 21.41 -4.17 3.01
N LYS D 108 21.83 -3.40 2.00
CA LYS D 108 23.24 -3.29 1.64
C LYS D 108 23.66 -1.84 1.87
N LEU D 109 24.19 -1.58 3.06
CA LEU D 109 24.58 -0.25 3.45
C LEU D 109 25.90 0.15 2.78
N PRO D 110 26.16 1.44 2.66
CA PRO D 110 27.46 1.88 2.15
C PRO D 110 28.59 1.46 3.08
N LYS D 111 29.82 1.59 2.56
CA LYS D 111 31.01 1.22 3.33
C LYS D 111 31.21 2.12 4.55
N ASN D 112 30.47 3.23 4.66
CA ASN D 112 30.57 4.08 5.84
C ASN D 112 30.19 3.34 7.12
N TYR D 113 29.34 2.31 7.01
CA TYR D 113 28.87 1.58 8.17
C TYR D 113 29.84 0.50 8.64
N MSE D 114 30.87 0.18 7.87
CA MSE D 114 31.86 -0.82 8.25
C MSE D 114 32.57 -0.46 9.56
O MSE D 114 33.04 0.66 9.73
CB MSE D 114 32.89 -0.98 7.13
CG MSE D 114 34.04 -1.89 7.46
SE MSE D 114 33.51 -3.75 7.62
CE MSE D 114 35.24 -4.56 7.25
N MSE D 115 32.65 -1.43 10.48
CA MSE D 115 33.19 -1.15 11.81
C MSE D 115 34.70 -1.24 11.90
O MSE D 115 35.37 -1.81 11.05
CB MSE D 115 32.58 -2.10 12.84
CG MSE D 115 31.44 -1.49 13.62
SE MSE D 115 31.96 0.26 14.28
CE MSE D 115 31.04 1.39 12.97
N SER D 116 35.23 -0.66 12.99
CA SER D 116 36.66 -0.66 13.22
C SER D 116 37.21 -2.07 13.37
N ASN D 117 36.36 -3.01 13.78
CA ASN D 117 36.76 -4.41 13.86
C ASN D 117 36.30 -5.24 12.67
N GLY D 118 35.38 -4.71 11.86
CA GLY D 118 34.95 -5.40 10.66
C GLY D 118 33.49 -5.80 10.67
N TYR D 119 32.62 -4.93 11.18
CA TYR D 119 31.20 -5.22 11.33
C TYR D 119 30.39 -4.15 10.63
N LYS D 120 29.70 -4.53 9.55
CA LYS D 120 28.68 -3.69 8.96
C LYS D 120 27.33 -4.31 9.26
N PRO D 121 26.42 -3.60 9.94
CA PRO D 121 25.16 -4.21 10.34
C PRO D 121 24.31 -4.61 9.14
N ALA D 122 23.56 -5.70 9.29
CA ALA D 122 22.77 -6.29 8.21
C ALA D 122 21.32 -6.48 8.65
N PRO D 123 20.52 -5.43 8.61
CA PRO D 123 19.09 -5.56 8.92
C PRO D 123 18.28 -5.85 7.66
N LEU D 124 17.04 -6.27 7.89
CA LEU D 124 16.14 -6.60 6.78
C LEU D 124 15.54 -5.34 6.18
N ASP D 125 15.15 -5.44 4.90
CA ASP D 125 14.59 -4.32 4.16
C ASP D 125 13.07 -4.43 4.18
N LEU D 126 12.49 -4.00 5.30
CA LEU D 126 11.05 -4.09 5.51
C LEU D 126 10.33 -2.85 4.99
N SER D 127 10.63 -2.47 3.74
CA SER D 127 10.03 -1.27 3.14
C SER D 127 8.69 -1.57 2.50
N ASP D 128 8.62 -2.58 1.63
CA ASP D 128 7.35 -3.01 1.06
C ASP D 128 6.37 -3.49 2.12
N VAL D 129 6.85 -3.76 3.34
CA VAL D 129 6.00 -4.21 4.43
C VAL D 129 5.37 -2.96 5.06
N LYS D 130 4.16 -2.63 4.63
CA LYS D 130 3.36 -1.62 5.29
C LYS D 130 2.23 -2.31 6.05
N LEU D 131 1.99 -1.86 7.27
CA LEU D 131 1.09 -2.56 8.18
C LEU D 131 -0.30 -1.89 8.20
N LEU D 132 -1.20 -2.52 8.93
CA LEU D 132 -2.60 -2.17 9.01
C LEU D 132 -2.96 -1.69 10.42
N PRO D 133 -4.16 -1.12 10.60
CA PRO D 133 -4.55 -0.57 11.92
C PRO D 133 -4.41 -1.58 13.05
N PRO D 134 -4.96 -2.80 12.93
CA PRO D 134 -4.82 -3.74 14.05
C PRO D 134 -3.40 -4.10 14.36
N GLN D 135 -2.52 -4.02 13.36
CA GLN D 135 -1.10 -4.31 13.58
C GLN D 135 -0.38 -3.10 14.18
N GLU D 136 -0.72 -1.90 13.72
CA GLU D 136 -0.11 -0.70 14.29
C GLU D 136 -0.62 -0.43 15.69
N ILE D 137 -1.91 -0.66 15.93
CA ILE D 137 -2.47 -0.46 17.27
C ILE D 137 -1.98 -1.54 18.23
N LEU D 138 -1.53 -2.69 17.71
CA LEU D 138 -0.98 -3.74 18.55
C LEU D 138 0.44 -3.40 19.02
N VAL D 139 1.24 -2.81 18.12
CA VAL D 139 2.56 -2.33 18.51
C VAL D 139 2.44 -1.36 19.67
N ASP D 140 1.41 -0.51 19.64
CA ASP D 140 1.24 0.48 20.69
C ASP D 140 0.92 -0.17 22.04
N LYS D 141 0.30 -1.35 22.02
CA LYS D 141 0.06 -2.06 23.28
C LYS D 141 1.27 -2.89 23.67
N LEU D 142 2.03 -3.41 22.69
CA LEU D 142 3.27 -4.11 23.01
C LEU D 142 4.33 -3.14 23.50
N ALA D 143 4.41 -1.95 22.90
CA ALA D 143 5.41 -0.97 23.32
C ALA D 143 5.15 -0.47 24.72
N GLU D 144 3.88 -0.20 25.05
CA GLU D 144 3.54 0.21 26.41
C GLU D 144 3.76 -0.93 27.39
N ASN D 145 3.39 -2.16 27.00
CA ASN D 145 3.59 -3.31 27.88
C ASN D 145 5.06 -3.55 28.17
N ALA D 146 5.91 -3.49 27.13
CA ALA D 146 7.34 -3.66 27.34
C ALA D 146 7.91 -2.60 28.27
N HIS D 147 7.31 -1.40 28.28
CA HIS D 147 7.72 -0.40 29.26
C HIS D 147 7.35 -0.84 30.67
N ASN D 148 6.20 -1.51 30.82
CA ASN D 148 5.81 -2.04 32.12
C ASN D 148 6.68 -3.22 32.51
N VAL D 149 6.94 -4.13 31.56
CA VAL D 149 7.76 -5.30 31.86
C VAL D 149 9.18 -4.89 32.22
N TRP D 150 9.73 -3.92 31.50
CA TRP D 150 11.10 -3.48 31.75
C TRP D 150 11.23 -2.84 33.12
N ALA D 151 10.37 -1.87 33.42
CA ALA D 151 10.45 -1.16 34.69
C ALA D 151 10.11 -2.06 35.86
N LYS D 152 9.06 -2.88 35.74
CA LYS D 152 8.71 -3.79 36.83
C LYS D 152 9.84 -4.77 37.11
N ASP D 153 10.52 -5.23 36.06
CA ASP D 153 11.75 -5.97 36.25
C ASP D 153 12.87 -5.07 36.74
N ARG D 154 12.82 -3.77 36.40
CA ARG D 154 13.87 -2.85 36.84
C ARG D 154 13.58 -2.30 38.22
N ILE D 155 12.32 -2.22 38.64
CA ILE D 155 12.03 -1.70 39.97
C ILE D 155 12.46 -2.71 41.04
N LYS D 156 12.00 -3.95 40.91
CA LYS D 156 12.79 -5.05 41.44
C LYS D 156 14.19 -4.95 40.85
N GLN D 157 15.16 -5.57 41.52
CA GLN D 157 16.60 -5.30 41.47
C GLN D 157 16.93 -3.95 42.11
N GLY D 158 15.97 -3.25 42.68
CA GLY D 158 16.22 -2.05 43.45
C GLY D 158 16.45 -0.78 42.64
N TRP D 159 15.44 -0.31 41.91
CA TRP D 159 15.56 0.91 41.14
C TRP D 159 14.37 1.81 41.42
N THR D 160 14.64 3.07 41.71
CA THR D 160 13.62 4.06 42.00
C THR D 160 13.73 5.20 41.00
N TYR D 161 12.66 5.99 40.91
CA TYR D 161 12.68 7.15 40.03
C TYR D 161 13.67 8.18 40.52
N GLY D 162 14.44 8.75 39.59
CA GLY D 162 15.39 9.79 39.91
C GLY D 162 15.31 10.93 38.92
N ILE D 163 15.69 12.11 39.39
CA ILE D 163 15.67 13.30 38.53
C ILE D 163 16.58 13.09 37.32
N GLN D 164 17.77 12.55 37.55
CA GLN D 164 18.64 12.08 36.48
C GLN D 164 19.39 10.87 36.98
N GLN D 165 19.59 9.90 36.09
CA GLN D 165 20.02 8.57 36.53
C GLN D 165 21.43 8.60 37.12
N ASP D 166 21.59 7.86 38.21
CA ASP D 166 22.91 7.51 38.74
C ASP D 166 23.00 6.00 38.74
N LEU D 167 23.80 5.46 37.82
CA LEU D 167 23.90 4.01 37.66
C LEU D 167 24.38 3.34 38.94
N LYS D 168 25.28 4.02 39.66
CA LYS D 168 25.82 3.44 40.89
C LYS D 168 24.82 3.47 42.03
N ASN D 169 23.89 4.43 42.01
CA ASN D 169 22.87 4.53 43.04
C ASN D 169 21.49 4.06 42.57
N LYS D 170 21.39 3.56 41.33
CA LYS D 170 20.21 2.85 40.85
C LYS D 170 18.98 3.75 40.79
N ARG D 171 19.14 4.91 40.15
CA ARG D 171 18.02 5.79 39.82
C ARG D 171 17.90 5.89 38.30
N ASN D 172 16.71 6.28 37.83
CA ASN D 172 16.44 6.32 36.40
C ASN D 172 15.27 7.24 36.07
N PRO D 173 15.45 8.25 35.21
CA PRO D 173 14.34 9.13 34.85
C PRO D 173 13.22 8.44 34.09
N ARG D 174 13.50 7.31 33.44
CA ARG D 174 12.49 6.65 32.63
C ARG D 174 11.50 5.84 33.45
N LEU D 175 11.76 5.65 34.75
CA LEU D 175 10.87 4.86 35.60
C LEU D 175 9.58 5.62 35.87
N VAL D 176 8.78 5.80 34.83
CA VAL D 176 7.55 6.59 34.88
C VAL D 176 6.53 5.93 33.95
N PRO D 177 5.26 6.21 34.21
CA PRO D 177 4.22 5.71 33.29
C PRO D 177 4.45 6.18 31.87
N TYR D 178 3.97 5.36 30.93
CA TYR D 178 4.17 5.66 29.51
C TYR D 178 3.65 7.03 29.17
N ALA D 179 2.50 7.41 29.74
CA ALA D 179 1.94 8.73 29.49
C ALA D 179 2.83 9.86 30.01
N LEU D 180 3.85 9.55 30.80
CA LEU D 180 4.74 10.55 31.41
C LEU D 180 6.18 10.29 31.02
N LEU D 181 6.41 10.05 29.74
CA LEU D 181 7.74 9.71 29.23
C LEU D 181 8.05 10.59 28.03
N ASP D 182 9.34 10.96 27.87
CA ASP D 182 9.69 11.86 26.78
C ASP D 182 9.38 11.22 25.44
N GLU D 183 9.02 12.05 24.47
CA GLU D 183 8.75 11.53 23.13
C GLU D 183 9.99 10.89 22.52
N ARG D 184 11.17 11.23 23.04
CA ARG D 184 12.40 10.64 22.54
C ARG D 184 12.44 9.14 22.81
N THR D 185 11.94 8.71 23.97
CA THR D 185 11.93 7.29 24.31
C THR D 185 10.65 6.61 23.86
N LYS D 186 9.50 7.26 24.04
CA LYS D 186 8.22 6.67 23.62
C LYS D 186 8.28 6.24 22.16
N LYS D 187 8.71 7.15 21.28
CA LYS D 187 8.82 6.82 19.87
C LYS D 187 9.88 5.75 19.61
N SER D 188 10.99 5.83 20.34
CA SER D 188 12.07 4.86 20.15
C SER D 188 11.61 3.44 20.48
N ASN D 189 11.01 3.26 21.66
CA ASN D 189 10.52 1.93 22.03
C ASN D 189 9.48 1.41 21.03
N ARG D 190 8.69 2.31 20.45
CA ARG D 190 7.62 1.87 19.57
C ARG D 190 8.16 1.38 18.23
N ASP D 191 8.91 2.24 17.53
CA ASP D 191 9.44 1.85 16.23
C ASP D 191 10.28 0.58 16.31
N SER D 192 10.98 0.39 17.42
CA SER D 192 11.71 -0.86 17.63
C SER D 192 10.77 -2.05 17.58
N LEU D 193 9.65 -1.98 18.30
CA LEU D 193 8.66 -3.04 18.26
C LEU D 193 7.79 -2.98 17.02
N ARG D 194 7.73 -1.83 16.35
CA ARG D 194 7.04 -1.77 15.07
C ARG D 194 7.81 -2.53 14.01
N GLU D 195 9.10 -2.19 13.83
CA GLU D 195 9.91 -2.91 12.86
C GLU D 195 10.13 -4.36 13.27
N ALA D 196 9.85 -4.69 14.53
CA ALA D 196 9.84 -6.09 14.95
C ALA D 196 8.60 -6.83 14.47
N VAL D 197 7.52 -6.13 14.18
CA VAL D 197 6.29 -6.76 13.71
C VAL D 197 6.28 -6.86 12.19
N ARG D 198 6.80 -5.84 11.49
CA ARG D 198 7.05 -5.98 10.06
C ARG D 198 7.94 -7.18 9.78
N THR D 199 8.82 -7.51 10.73
CA THR D 199 9.63 -8.72 10.61
C THR D 199 8.76 -9.96 10.52
N PHE D 200 7.71 -10.04 11.33
CA PHE D 200 6.78 -11.17 11.25
C PHE D 200 6.14 -11.24 9.87
N VAL D 201 5.57 -10.12 9.42
CA VAL D 201 4.92 -10.09 8.11
C VAL D 201 5.94 -10.33 7.00
N GLY D 202 7.18 -9.86 7.19
CA GLY D 202 8.19 -10.08 6.17
C GLY D 202 8.51 -11.55 5.96
N TYR D 203 8.50 -12.33 7.05
CA TYR D 203 8.75 -13.76 6.93
C TYR D 203 7.53 -14.54 6.48
N GLY D 204 6.34 -13.93 6.54
CA GLY D 204 5.11 -14.56 6.14
C GLY D 204 4.12 -14.76 7.27
N TYR D 205 4.57 -14.71 8.52
CA TYR D 205 3.67 -14.83 9.66
C TYR D 205 2.68 -13.68 9.67
N ASN D 206 1.39 -14.02 9.69
CA ASN D 206 0.33 -13.04 9.71
C ASN D 206 -0.16 -12.81 11.14
N ILE D 207 -0.82 -11.68 11.35
CA ILE D 207 -1.26 -11.26 12.68
C ILE D 207 -2.72 -10.83 12.57
N GLU D 208 -3.57 -11.47 13.37
CA GLU D 208 -5.00 -11.16 13.38
C GLU D 208 -5.48 -11.01 14.81
N PRO D 209 -5.60 -9.79 15.32
CA PRO D 209 -6.00 -9.61 16.72
C PRO D 209 -7.45 -10.02 16.95
N SER D 210 -7.68 -10.66 18.09
CA SER D 210 -9.01 -11.13 18.40
C SER D 210 -9.99 -9.97 18.54
N ASP D 211 -11.26 -10.28 18.35
CA ASP D 211 -12.30 -9.27 18.32
C ASP D 211 -13.67 -9.91 18.42
PG ATP E . -7.94 1.35 -23.25
O1G ATP E . -7.31 -0.02 -23.08
O2G ATP E . -6.93 2.48 -23.30
O3G ATP E . -9.14 1.61 -22.38
PB ATP E . -8.84 -0.10 -25.46
O1B ATP E . -7.52 -0.64 -25.96
O2B ATP E . -9.67 -0.94 -24.53
O3B ATP E . -8.54 1.31 -24.74
PA ATP E . -9.94 -0.62 -27.99
O1A ATP E . -8.58 -1.13 -28.42
O2A ATP E . -10.78 0.10 -29.02
O3A ATP E . -9.75 0.33 -26.72
O5' ATP E . -10.76 -1.86 -27.37
C5' ATP E . -10.54 -3.18 -27.85
C4' ATP E . -10.39 -4.06 -26.61
O4' ATP E . -11.64 -4.20 -25.92
C3' ATP E . -9.93 -5.47 -26.96
O3' ATP E . -8.53 -5.59 -26.75
C2' ATP E . -10.71 -6.37 -26.00
O2' ATP E . -9.81 -6.94 -25.03
C1' ATP E . -11.70 -5.47 -25.29
N9 ATP E . -13.06 -6.06 -25.41
C8 ATP E . -14.05 -5.62 -26.21
N7 ATP E . -15.15 -6.40 -26.08
C5 ATP E . -14.88 -7.36 -25.18
C6 ATP E . -15.59 -8.51 -24.58
N6 ATP E . -16.87 -8.78 -24.93
N1 ATP E . -14.93 -9.26 -23.68
C2 ATP E . -13.65 -8.99 -23.32
N3 ATP E . -12.94 -7.96 -23.83
C4 ATP E . -13.49 -7.13 -24.74
C1 GOL F . 18.11 -23.26 -46.24
O1 GOL F . 17.04 -23.47 -47.14
C2 GOL F . 17.64 -23.55 -44.82
O2 GOL F . 18.42 -24.58 -44.27
C3 GOL F . 17.75 -22.30 -43.96
O3 GOL F . 17.25 -21.18 -44.66
C1 GOL G . 7.48 -1.61 -36.95
O1 GOL G . 6.30 -1.69 -36.18
C2 GOL G . 8.41 -2.79 -36.64
O2 GOL G . 9.01 -2.62 -35.37
C3 GOL G . 9.47 -2.97 -37.71
O3 GOL G . 8.90 -3.44 -38.91
C TRS H . 15.41 -25.83 -42.17
C1 TRS H . 14.67 -24.85 -41.25
C2 TRS H . 14.64 -26.52 -43.30
C3 TRS H . 16.78 -26.36 -41.76
N TRS H . 14.84 -26.91 -41.32
O1 TRS H . 15.34 -23.57 -41.19
O2 TRS H . 13.30 -26.03 -43.31
O3 TRS H . 17.78 -25.39 -42.06
PG ATP I . -22.67 -3.48 24.81
O1G ATP I . -23.61 -2.30 24.92
O2G ATP I . -22.80 -4.47 25.96
O3G ATP I . -21.25 -3.12 24.46
PB ATP I . -22.95 -3.76 22.04
O1B ATP I . -23.45 -2.34 21.98
O2B ATP I . -21.52 -4.05 21.65
O3B ATP I . -23.20 -4.30 23.54
PA ATP I . -23.59 -5.58 19.91
O1A ATP I . -24.70 -6.59 19.67
O2A ATP I . -22.16 -6.04 20.03
O3A ATP I . -23.98 -4.68 21.20
O5' ATP I . -23.66 -4.49 18.74
C5' ATP I . -22.58 -4.42 17.81
C4' ATP I . -23.15 -3.96 16.47
O4' ATP I . -23.77 -2.68 16.58
C3' ATP I . -22.06 -3.84 15.42
O3' ATP I . -22.05 -4.99 14.57
C2' ATP I . -22.45 -2.59 14.63
O2' ATP I . -22.66 -2.93 13.25
C1' ATP I . -23.74 -2.10 15.27
N9 ATP I . -23.74 -0.62 15.30
C8 ATP I . -23.56 0.17 16.37
N7 ATP I . -23.62 1.47 16.03
C5 ATP I . -23.84 1.54 14.70
C6 ATP I . -24.00 2.61 13.69
N6 ATP I . -23.95 3.92 14.04
N1 ATP I . -24.23 2.24 12.41
C2 ATP I . -24.29 0.94 12.05
N3 ATP I . -24.15 -0.08 12.92
C4 ATP I . -23.92 0.15 14.23
C1 GOL J . -10.72 31.90 20.19
O1 GOL J . -11.79 31.17 20.76
C2 GOL J . -10.57 31.50 18.73
O2 GOL J . -10.32 32.66 17.95
C3 GOL J . -9.41 30.52 18.59
O3 GOL J . -9.66 29.38 19.39
C1 PEG K . -18.08 0.45 22.98
O1 PEG K . -19.30 1.19 23.10
C2 PEG K . -16.92 1.41 22.73
O2 PEG K . -16.29 1.76 23.96
C3 PEG K . -15.04 2.42 23.75
C4 PEG K . -13.99 1.70 24.58
O4 PEG K . -12.83 2.52 24.78
C1 GOL L . 22.13 -7.49 -17.80
O1 GOL L . 21.66 -8.82 -17.66
C2 GOL L . 21.01 -6.62 -18.36
O2 GOL L . 21.10 -5.33 -17.79
C3 GOL L . 21.15 -6.51 -19.87
O3 GOL L . 20.14 -5.68 -20.38
C1 GOL M . 36.59 16.62 1.34
O1 GOL M . 36.34 17.49 0.25
C2 GOL M . 35.64 16.95 2.48
O2 GOL M . 35.67 15.90 3.41
C3 GOL M . 36.11 18.23 3.16
O3 GOL M . 34.99 18.99 3.58
C1 GOL N . 7.27 -3.67 -13.25
O1 GOL N . 8.11 -2.75 -12.60
C2 GOL N . 5.89 -3.04 -13.43
O2 GOL N . 5.41 -3.33 -14.72
C3 GOL N . 4.95 -3.60 -12.37
O3 GOL N . 3.71 -2.93 -12.38
C1 GOL O . 3.76 22.50 -33.99
O1 GOL O . 3.70 21.28 -34.70
C2 GOL O . 5.19 22.72 -33.51
O2 GOL O . 5.20 22.85 -32.10
C3 GOL O . 5.74 23.99 -34.16
O3 GOL O . 7.07 24.22 -33.74
C1 GOL P . -6.01 12.34 -26.36
O1 GOL P . -6.23 11.16 -27.11
C2 GOL P . -5.00 12.11 -25.24
O2 GOL P . -5.44 12.77 -24.07
C3 GOL P . -3.62 12.60 -25.62
O3 GOL P . -3.65 13.93 -26.10
C1 GOL Q . 21.64 -0.18 29.48
O1 GOL Q . 21.01 0.77 28.64
C2 GOL Q . 22.15 -1.35 28.65
O2 GOL Q . 21.08 -2.20 28.31
C3 GOL Q . 23.20 -2.12 29.44
O3 GOL Q . 24.47 -1.56 29.19
C1 GOL R . 19.82 1.30 24.38
O1 GOL R . 18.94 0.44 25.07
C2 GOL R . 20.88 1.82 25.34
O2 GOL R . 21.99 0.94 25.33
C3 GOL R . 21.33 3.21 24.91
O3 GOL R . 20.24 4.09 24.96
C1 GOL S . 24.54 10.92 26.64
O1 GOL S . 23.20 11.05 26.22
C2 GOL S . 25.26 12.27 26.48
O2 GOL S . 26.15 12.45 27.56
C3 GOL S . 26.03 12.27 25.17
O3 GOL S . 27.02 13.26 25.21
C1 GOL T . 39.94 13.29 26.59
O1 GOL T . 40.23 11.92 26.40
C2 GOL T . 41.17 14.13 26.24
O2 GOL T . 41.81 14.55 27.43
C3 GOL T . 42.14 13.29 25.41
O3 GOL T . 43.38 13.95 25.34
C1 GOL U . -4.13 -5.72 35.43
O1 GOL U . -3.28 -6.17 34.39
C2 GOL U . -3.93 -6.55 36.70
O2 GOL U . -3.26 -7.75 36.41
C3 GOL U . -3.14 -5.74 37.74
O3 GOL U . -3.71 -4.47 37.94
#